data_7X3M
#
_entry.id   7X3M
#
_cell.length_a   49.066
_cell.length_b   105.335
_cell.length_c   75.436
_cell.angle_alpha   90.000
_cell.angle_beta   102.360
_cell.angle_gamma   90.000
#
_symmetry.space_group_name_H-M   'P 1 21 1'
#
loop_
_entity.id
_entity.type
_entity.pdbx_description
1 polymer 'Aldo-keto reductase family 1 member C3'
2 non-polymer 'NADP NICOTINAMIDE-ADENINE-DINUCLEOTIDE PHOSPHATE'
3 non-polymer '(2~{R})-2-[4-[3,5-bis(chloranyl)phenyl]-3-(trifluoromethyl)phenyl]butanoic acid'
4 water water
#
_entity_poly.entity_id   1
_entity_poly.type   'polypeptide(L)'
_entity_poly.pdbx_seq_one_letter_code
;MHHHHHHDSKHQCVKLNDGHFMPVLGFGTYAPPEVPRSKALEVTKLAIEAGFRHIDSAHLYNNEEQVGLAIRSKIADGSV
KREDIFYTSKLWSTFHRPELVRPALENSLKKAQLDYVDLYLIHSPMSLKPGEELSPTDENGKVIFDIVDLCTTWEAMEKC
KDAGLAKSIGVSNFNRRQLEMILNKPGLKYKPVCNQVECHPYFNRSKLLDFCKSKDIVLVAYSALGSQRDKRWVDPNSPV
LLEDPVLCALAKKHKRTPALIALRYQLQRGVVVLAKSYNEQRIRQNVQVFEFQLTAEDMKAIDGLDRNLHYFNSDSFASH
PNYPYSDEY
;
_entity_poly.pdbx_strand_id   A,B
#
loop_
_chem_comp.id
_chem_comp.type
_chem_comp.name
_chem_comp.formula
8IH non-polymer '(2~{R})-2-[4-[3,5-bis(chloranyl)phenyl]-3-(trifluoromethyl)phenyl]butanoic acid' 'C17 H13 Cl2 F3 O2'
NAP non-polymer 'NADP NICOTINAMIDE-ADENINE-DINUCLEOTIDE PHOSPHATE' 'C21 H28 N7 O17 P3'
#
# COMPACT_ATOMS: atom_id res chain seq x y z
N GLN A 12 -4.03 -4.32 -11.89
CA GLN A 12 -4.59 -3.21 -12.66
C GLN A 12 -4.59 -1.92 -11.84
N CYS A 13 -3.61 -1.80 -10.94
CA CYS A 13 -3.46 -0.62 -10.10
C CYS A 13 -2.05 -0.07 -10.24
N VAL A 14 -1.87 1.19 -9.85
CA VAL A 14 -0.57 1.84 -9.86
C VAL A 14 -0.21 2.24 -8.43
N LYS A 15 1.06 2.10 -8.08
CA LYS A 15 1.51 2.44 -6.74
C LYS A 15 1.79 3.93 -6.64
N LEU A 16 1.24 4.56 -5.61
CA LEU A 16 1.48 5.97 -5.37
C LEU A 16 2.72 6.15 -4.48
N ASN A 17 3.21 7.39 -4.43
CA ASN A 17 4.44 7.65 -3.68
C ASN A 17 4.27 7.56 -2.17
N ASP A 18 3.05 7.30 -1.68
CA ASP A 18 2.82 7.07 -0.26
C ASP A 18 2.58 5.60 0.06
N GLY A 19 2.80 4.70 -0.91
CA GLY A 19 2.60 3.29 -0.72
C GLY A 19 1.24 2.77 -1.12
N HIS A 20 0.25 3.64 -1.25
CA HIS A 20 -1.10 3.21 -1.57
C HIS A 20 -1.25 2.97 -3.07
N PHE A 21 -2.23 2.14 -3.41
CA PHE A 21 -2.46 1.69 -4.79
C PHE A 21 -3.81 2.18 -5.27
N MET A 22 -3.84 2.74 -6.48
CA MET A 22 -5.03 3.32 -7.06
C MET A 22 -5.36 2.63 -8.38
N PRO A 23 -6.62 2.24 -8.60
CA PRO A 23 -6.97 1.58 -9.86
C PRO A 23 -6.71 2.48 -11.06
N VAL A 24 -6.26 1.85 -12.15
CA VAL A 24 -5.82 2.57 -13.33
C VAL A 24 -6.98 3.22 -14.08
N LEU A 25 -8.21 2.72 -13.90
CA LEU A 25 -9.39 3.26 -14.56
C LEU A 25 -10.41 3.71 -13.52
N GLY A 26 -10.93 4.91 -13.69
CA GLY A 26 -11.87 5.48 -12.74
C GLY A 26 -13.15 5.94 -13.41
N PHE A 27 -14.22 5.97 -12.61
CA PHE A 27 -15.56 6.31 -13.09
C PHE A 27 -15.88 7.75 -12.73
N GLY A 28 -16.06 8.59 -13.76
CA GLY A 28 -16.47 9.96 -13.54
C GLY A 28 -17.94 10.03 -13.15
N THR A 29 -18.23 10.75 -12.08
CA THR A 29 -19.58 10.80 -11.50
C THR A 29 -20.24 12.16 -11.61
N TYR A 30 -19.71 13.06 -12.43
CA TYR A 30 -20.33 14.37 -12.60
C TYR A 30 -21.37 14.29 -13.71
N ALA A 31 -22.57 14.80 -13.41
CA ALA A 31 -23.61 15.03 -14.39
C ALA A 31 -24.18 16.41 -14.08
N PRO A 32 -24.53 17.18 -15.11
CA PRO A 32 -25.05 18.53 -14.86
C PRO A 32 -26.29 18.48 -13.99
N PRO A 33 -26.59 19.56 -13.27
CA PRO A 33 -27.70 19.53 -12.31
C PRO A 33 -29.06 19.27 -12.95
N GLU A 34 -29.18 19.42 -14.27
CA GLU A 34 -30.44 19.10 -14.93
C GLU A 34 -30.75 17.60 -14.89
N VAL A 35 -29.74 16.78 -14.66
CA VAL A 35 -29.97 15.35 -14.44
C VAL A 35 -30.39 15.13 -12.99
N PRO A 36 -31.52 14.47 -12.74
CA PRO A 36 -31.90 14.19 -11.34
C PRO A 36 -30.84 13.38 -10.64
N ARG A 37 -30.67 13.65 -9.34
CA ARG A 37 -29.59 13.03 -8.58
C ARG A 37 -29.82 11.54 -8.35
N SER A 38 -31.01 11.03 -8.63
CA SER A 38 -31.23 9.58 -8.51
C SER A 38 -30.40 8.81 -9.54
N LYS A 39 -30.08 9.43 -10.67
CA LYS A 39 -29.28 8.76 -11.69
C LYS A 39 -27.87 8.47 -11.18
N ALA A 40 -27.30 9.38 -10.39
CA ALA A 40 -25.98 9.15 -9.83
C ALA A 40 -25.95 7.91 -8.94
N LEU A 41 -27.04 7.67 -8.21
CA LEU A 41 -27.13 6.48 -7.36
C LEU A 41 -27.21 5.21 -8.21
N GLU A 42 -27.86 5.28 -9.37
CA GLU A 42 -28.04 4.11 -10.20
C GLU A 42 -26.80 3.79 -11.02
N VAL A 43 -26.21 4.81 -11.66
CA VAL A 43 -25.08 4.55 -12.55
C VAL A 43 -23.85 4.15 -11.75
N THR A 44 -23.73 4.60 -10.51
CA THR A 44 -22.62 4.15 -9.67
C THR A 44 -22.74 2.68 -9.35
N LYS A 45 -23.96 2.17 -9.19
CA LYS A 45 -24.16 0.73 -9.04
C LYS A 45 -23.80 0.00 -10.32
N LEU A 46 -24.29 0.51 -11.46
CA LEU A 46 -23.97 -0.10 -12.74
C LEU A 46 -22.46 -0.09 -13.00
N ALA A 47 -21.78 1.00 -12.62
CA ALA A 47 -20.35 1.09 -12.83
C ALA A 47 -19.59 0.09 -11.97
N ILE A 48 -20.02 -0.09 -10.71
CA ILE A 48 -19.37 -1.07 -9.85
C ILE A 48 -19.63 -2.48 -10.35
N GLU A 49 -20.87 -2.77 -10.75
CA GLU A 49 -21.19 -4.08 -11.32
C GLU A 49 -20.38 -4.36 -12.58
N ALA A 50 -20.09 -3.31 -13.37
CA ALA A 50 -19.35 -3.49 -14.61
C ALA A 50 -17.86 -3.69 -14.39
N GLY A 51 -17.34 -3.36 -13.22
CA GLY A 51 -15.94 -3.60 -12.93
C GLY A 51 -15.21 -2.42 -12.33
N PHE A 52 -15.81 -1.23 -12.38
CA PHE A 52 -15.16 -0.04 -11.84
C PHE A 52 -14.95 -0.18 -10.33
N ARG A 53 -13.72 0.01 -9.89
CA ARG A 53 -13.40 0.12 -8.48
C ARG A 53 -12.98 1.52 -8.06
N HIS A 54 -12.43 2.30 -8.99
CA HIS A 54 -12.04 3.67 -8.74
C HIS A 54 -13.20 4.59 -9.10
N ILE A 55 -13.72 5.31 -8.11
CA ILE A 55 -14.87 6.19 -8.27
C ILE A 55 -14.45 7.61 -7.90
N ASP A 56 -14.66 8.54 -8.83
CA ASP A 56 -14.20 9.92 -8.69
C ASP A 56 -15.40 10.82 -8.43
N SER A 57 -15.40 11.51 -7.29
CA SER A 57 -16.47 12.42 -6.92
C SER A 57 -15.86 13.69 -6.36
N ALA A 58 -16.73 14.59 -5.89
CA ALA A 58 -16.32 15.88 -5.35
C ALA A 58 -17.50 16.51 -4.64
N HIS A 59 -17.19 17.40 -3.68
CA HIS A 59 -18.24 18.15 -3.01
C HIS A 59 -19.00 19.04 -4.00
N LEU A 60 -18.32 19.51 -5.04
CA LEU A 60 -18.98 20.34 -6.05
C LEU A 60 -20.03 19.57 -6.83
N TYR A 61 -19.81 18.27 -7.04
CA TYR A 61 -20.69 17.49 -7.90
C TYR A 61 -22.10 17.35 -7.34
N ASN A 62 -22.26 17.51 -6.02
CA ASN A 62 -23.56 17.38 -5.36
C ASN A 62 -24.15 15.98 -5.56
N ASN A 63 -23.29 14.95 -5.41
CA ASN A 63 -23.77 13.59 -5.53
C ASN A 63 -23.12 12.65 -4.52
N GLU A 64 -22.35 13.15 -3.55
CA GLU A 64 -21.72 12.27 -2.58
C GLU A 64 -22.74 11.53 -1.73
N GLU A 65 -23.93 12.11 -1.57
CA GLU A 65 -25.00 11.40 -0.87
C GLU A 65 -25.44 10.17 -1.65
N GLN A 66 -25.55 10.28 -2.97
CA GLN A 66 -26.00 9.17 -3.79
C GLN A 66 -24.87 8.20 -4.08
N VAL A 67 -23.70 8.71 -4.45
CA VAL A 67 -22.54 7.85 -4.68
C VAL A 67 -22.18 7.09 -3.40
N GLY A 68 -22.29 7.76 -2.25
CA GLY A 68 -22.02 7.10 -0.99
C GLY A 68 -22.99 5.96 -0.70
N LEU A 69 -24.26 6.15 -1.07
CA LEU A 69 -25.25 5.09 -0.84
C LEU A 69 -25.06 3.94 -1.82
N ALA A 70 -24.70 4.24 -3.07
CA ALA A 70 -24.47 3.20 -4.04
C ALA A 70 -23.31 2.31 -3.64
N ILE A 71 -22.23 2.90 -3.11
CA ILE A 71 -21.11 2.11 -2.60
C ILE A 71 -21.59 1.19 -1.49
N ARG A 72 -22.28 1.75 -0.49
CA ARG A 72 -22.75 0.94 0.63
C ARG A 72 -23.76 -0.11 0.19
N SER A 73 -24.57 0.20 -0.83
CA SER A 73 -25.49 -0.79 -1.37
C SER A 73 -24.73 -1.97 -1.95
N LYS A 74 -23.78 -1.70 -2.85
CA LYS A 74 -23.01 -2.78 -3.47
C LYS A 74 -22.14 -3.53 -2.47
N ILE A 75 -21.77 -2.89 -1.36
CA ILE A 75 -21.07 -3.61 -0.30
C ILE A 75 -22.02 -4.54 0.43
N ALA A 76 -23.20 -4.03 0.78
CA ALA A 76 -24.21 -4.84 1.45
C ALA A 76 -24.66 -6.00 0.58
N ASP A 77 -24.59 -5.85 -0.74
CA ASP A 77 -24.85 -6.96 -1.65
C ASP A 77 -23.81 -8.07 -1.51
N GLY A 78 -22.66 -7.76 -0.93
CA GLY A 78 -21.53 -8.66 -1.00
C GLY A 78 -20.79 -8.63 -2.32
N SER A 79 -21.28 -7.86 -3.31
CA SER A 79 -20.61 -7.76 -4.60
C SER A 79 -19.19 -7.25 -4.45
N VAL A 80 -18.94 -6.34 -3.50
CA VAL A 80 -17.65 -5.69 -3.33
C VAL A 80 -17.45 -5.41 -1.85
N LYS A 81 -16.21 -5.11 -1.48
CA LYS A 81 -15.87 -4.70 -0.12
C LYS A 81 -15.30 -3.30 -0.15
N ARG A 82 -15.45 -2.58 0.97
CA ARG A 82 -15.02 -1.18 1.04
C ARG A 82 -13.55 -1.03 0.64
N GLU A 83 -12.70 -1.93 1.11
CA GLU A 83 -11.29 -1.86 0.78
C GLU A 83 -11.05 -2.01 -0.72
N ASP A 84 -11.93 -2.72 -1.43
CA ASP A 84 -11.80 -2.86 -2.87
C ASP A 84 -12.14 -1.56 -3.60
N ILE A 85 -12.89 -0.66 -2.98
CA ILE A 85 -13.33 0.57 -3.63
C ILE A 85 -12.35 1.69 -3.31
N PHE A 86 -11.94 2.41 -4.35
CA PHE A 86 -11.04 3.55 -4.23
C PHE A 86 -11.86 4.82 -4.48
N TYR A 87 -12.28 5.47 -3.40
CA TYR A 87 -13.14 6.64 -3.49
C TYR A 87 -12.31 7.91 -3.48
N THR A 88 -12.63 8.84 -4.38
CA THR A 88 -11.93 10.11 -4.48
C THR A 88 -12.90 11.25 -4.24
N SER A 89 -12.51 12.21 -3.41
CA SER A 89 -13.26 13.43 -3.20
C SER A 89 -12.32 14.62 -3.39
N LYS A 90 -12.91 15.82 -3.48
CA LYS A 90 -12.14 17.02 -3.77
C LYS A 90 -12.59 18.16 -2.87
N LEU A 91 -11.63 18.93 -2.38
CA LEU A 91 -11.90 20.11 -1.57
C LEU A 91 -12.19 21.30 -2.48
N TRP A 92 -13.41 21.81 -2.42
CA TRP A 92 -13.80 22.88 -3.33
C TRP A 92 -13.08 24.18 -2.97
N SER A 93 -13.03 25.09 -3.96
CA SER A 93 -12.18 26.27 -3.87
C SER A 93 -12.59 27.19 -2.72
N THR A 94 -13.89 27.26 -2.40
CA THR A 94 -14.34 28.15 -1.34
C THR A 94 -13.80 27.75 0.04
N PHE A 95 -13.31 26.53 0.19
CA PHE A 95 -12.82 26.03 1.47
C PHE A 95 -11.30 25.93 1.49
N HIS A 96 -10.62 26.89 0.87
CA HIS A 96 -9.17 26.82 0.72
C HIS A 96 -8.41 27.24 1.96
N ARG A 97 -9.02 28.01 2.85
CA ARG A 97 -8.32 28.46 4.04
C ARG A 97 -8.08 27.29 4.99
N PRO A 98 -6.97 27.31 5.73
CA PRO A 98 -6.59 26.11 6.50
C PRO A 98 -7.64 25.62 7.47
N GLU A 99 -8.30 26.53 8.19
CA GLU A 99 -9.32 26.13 9.16
C GLU A 99 -10.56 25.54 8.50
N LEU A 100 -10.69 25.65 7.18
CA LEU A 100 -11.86 25.16 6.46
C LEU A 100 -11.65 23.80 5.80
N VAL A 101 -10.43 23.28 5.81
CA VAL A 101 -10.13 22.06 5.06
C VAL A 101 -10.71 20.83 5.75
N ARG A 102 -10.25 20.57 6.98
CA ARG A 102 -10.78 19.42 7.72
C ARG A 102 -12.29 19.45 7.90
N PRO A 103 -12.94 20.58 8.21
CA PRO A 103 -14.41 20.55 8.25
C PRO A 103 -15.06 20.21 6.92
N ALA A 104 -14.44 20.61 5.80
CA ALA A 104 -15.02 20.30 4.50
C ALA A 104 -14.85 18.83 4.15
N LEU A 105 -13.80 18.19 4.67
CA LEU A 105 -13.59 16.78 4.37
C LEU A 105 -14.52 15.88 5.18
N GLU A 106 -14.70 16.19 6.48
CA GLU A 106 -15.60 15.39 7.29
C GLU A 106 -17.06 15.60 6.89
N ASN A 107 -17.38 16.76 6.31
CA ASN A 107 -18.70 16.94 5.75
C ASN A 107 -18.92 16.04 4.54
N SER A 108 -17.93 15.98 3.65
CA SER A 108 -17.99 15.04 2.53
C SER A 108 -18.09 13.60 3.04
N LEU A 109 -17.34 13.28 4.09
CA LEU A 109 -17.40 11.94 4.67
C LEU A 109 -18.78 11.65 5.25
N LYS A 110 -19.38 12.64 5.93
CA LYS A 110 -20.69 12.44 6.52
C LYS A 110 -21.76 12.23 5.45
N LYS A 111 -21.68 12.99 4.36
CA LYS A 111 -22.67 12.87 3.30
C LYS A 111 -22.50 11.57 2.52
N ALA A 112 -21.25 11.12 2.33
CA ALA A 112 -20.98 9.89 1.61
C ALA A 112 -21.04 8.65 2.50
N GLN A 113 -21.32 8.83 3.79
CA GLN A 113 -21.42 7.72 4.74
C GLN A 113 -20.13 6.89 4.76
N LEU A 114 -18.99 7.59 4.84
CA LEU A 114 -17.68 6.95 4.79
C LEU A 114 -16.85 7.38 5.98
N ASP A 115 -16.04 6.44 6.49
CA ASP A 115 -15.08 6.76 7.54
C ASP A 115 -13.81 7.40 7.00
N TYR A 116 -13.54 7.26 5.71
CA TYR A 116 -12.34 7.79 5.10
C TYR A 116 -12.55 7.83 3.59
N VAL A 117 -11.82 8.73 2.93
CA VAL A 117 -11.73 8.74 1.47
C VAL A 117 -10.36 8.19 1.08
N ASP A 118 -10.31 7.43 -0.01
CA ASP A 118 -9.04 6.92 -0.49
C ASP A 118 -8.15 8.04 -0.99
N LEU A 119 -8.74 9.05 -1.66
CA LEU A 119 -7.99 10.15 -2.24
C LEU A 119 -8.75 11.44 -2.00
N TYR A 120 -8.06 12.45 -1.46
CA TYR A 120 -8.63 13.77 -1.22
C TYR A 120 -7.80 14.81 -1.96
N LEU A 121 -8.44 15.57 -2.84
CA LEU A 121 -7.75 16.49 -3.73
C LEU A 121 -8.12 17.93 -3.43
N ILE A 122 -7.20 18.83 -3.74
CA ILE A 122 -7.51 20.24 -3.91
C ILE A 122 -8.12 20.39 -5.30
N HIS A 123 -9.41 20.69 -5.36
CA HIS A 123 -10.14 20.63 -6.63
C HIS A 123 -9.54 21.57 -7.66
N SER A 124 -9.10 22.76 -7.24
CA SER A 124 -8.59 23.74 -8.17
C SER A 124 -7.75 24.74 -7.42
N PRO A 125 -6.68 25.28 -8.01
CA PRO A 125 -5.88 26.30 -7.32
C PRO A 125 -6.52 27.68 -7.29
N MET A 126 -7.66 27.87 -7.93
CA MET A 126 -8.28 29.19 -8.07
C MET A 126 -9.21 29.42 -6.88
N SER A 127 -8.66 30.01 -5.83
CA SER A 127 -9.40 30.19 -4.58
C SER A 127 -10.55 31.17 -4.76
N LEU A 128 -11.67 30.87 -4.11
CA LEU A 128 -12.87 31.69 -4.14
C LEU A 128 -13.20 32.18 -2.74
N LYS A 129 -14.13 33.12 -2.67
CA LYS A 129 -14.51 33.72 -1.39
C LYS A 129 -15.11 32.66 -0.47
N PRO A 130 -14.69 32.59 0.78
CA PRO A 130 -15.19 31.52 1.66
C PRO A 130 -16.67 31.71 2.00
N GLY A 131 -17.36 30.58 2.11
CA GLY A 131 -18.77 30.61 2.45
C GLY A 131 -19.44 29.30 2.07
N GLU A 132 -20.72 29.21 2.43
CA GLU A 132 -21.49 28.02 2.11
C GLU A 132 -21.90 27.97 0.63
N GLU A 133 -21.87 29.10 -0.07
CA GLU A 133 -22.20 29.12 -1.48
C GLU A 133 -20.99 28.73 -2.33
N LEU A 134 -21.22 27.89 -3.33
CA LEU A 134 -20.12 27.34 -4.12
C LEU A 134 -19.70 28.26 -5.26
N SER A 135 -20.63 29.06 -5.78
CA SER A 135 -20.28 30.10 -6.76
C SER A 135 -20.56 31.46 -6.15
N PRO A 136 -19.63 32.01 -5.36
CA PRO A 136 -19.87 33.32 -4.76
C PRO A 136 -19.87 34.44 -5.79
N THR A 137 -21.05 35.01 -6.03
CA THR A 137 -21.22 36.05 -7.03
C THR A 137 -21.41 37.39 -6.35
N ASP A 138 -20.97 38.45 -7.05
CA ASP A 138 -21.16 39.80 -6.56
C ASP A 138 -22.30 40.49 -7.34
N GLU A 139 -22.45 41.80 -7.14
CA GLU A 139 -23.60 42.54 -7.65
C GLU A 139 -23.58 42.73 -9.16
N ASN A 140 -22.47 42.43 -9.85
CA ASN A 140 -22.38 42.59 -11.29
C ASN A 140 -22.20 41.25 -12.00
N GLY A 141 -22.46 40.14 -11.32
CA GLY A 141 -22.26 38.83 -11.90
C GLY A 141 -20.84 38.30 -11.81
N LYS A 142 -19.93 39.05 -11.20
CA LYS A 142 -18.57 38.56 -11.03
C LYS A 142 -18.51 37.48 -9.97
N VAL A 143 -17.78 36.41 -10.26
CA VAL A 143 -17.38 35.46 -9.24
C VAL A 143 -16.28 36.08 -8.41
N ILE A 144 -16.36 35.95 -7.09
CA ILE A 144 -15.50 36.67 -6.17
C ILE A 144 -14.29 35.80 -5.83
N PHE A 145 -13.10 36.31 -6.15
CA PHE A 145 -11.87 35.59 -5.90
C PHE A 145 -11.42 35.79 -4.46
N ASP A 146 -10.45 34.97 -4.04
CA ASP A 146 -9.86 35.06 -2.71
C ASP A 146 -8.36 34.82 -2.83
N ILE A 147 -7.63 35.22 -1.80
CA ILE A 147 -6.18 35.15 -1.77
C ILE A 147 -5.78 34.22 -0.64
N VAL A 148 -5.34 33.00 -0.98
CA VAL A 148 -4.94 32.00 0.00
C VAL A 148 -3.59 31.42 -0.42
N ASP A 149 -2.68 31.29 0.54
CA ASP A 149 -1.43 30.59 0.32
C ASP A 149 -1.71 29.08 0.26
N LEU A 150 -1.58 28.50 -0.93
CA LEU A 150 -1.91 27.08 -1.10
C LEU A 150 -0.98 26.16 -0.33
N CYS A 151 0.22 26.65 0.06
CA CYS A 151 1.08 25.85 0.91
C CYS A 151 0.45 25.63 2.28
N THR A 152 -0.27 26.64 2.78
CA THR A 152 -0.99 26.47 4.03
C THR A 152 -2.19 25.56 3.86
N THR A 153 -2.88 25.67 2.73
CA THR A 153 -3.94 24.72 2.39
C THR A 153 -3.42 23.29 2.41
N TRP A 154 -2.25 23.08 1.78
CA TRP A 154 -1.68 21.75 1.72
C TRP A 154 -1.31 21.23 3.09
N GLU A 155 -0.83 22.12 3.96
CA GLU A 155 -0.53 21.72 5.33
C GLU A 155 -1.76 21.14 6.01
N ALA A 156 -2.92 21.76 5.80
CA ALA A 156 -4.17 21.24 6.38
C ALA A 156 -4.58 19.93 5.74
N MET A 157 -4.22 19.70 4.48
CA MET A 157 -4.44 18.39 3.86
C MET A 157 -3.56 17.34 4.52
N GLU A 158 -2.32 17.71 4.83
CA GLU A 158 -1.42 16.76 5.51
C GLU A 158 -1.98 16.37 6.87
N LYS A 159 -2.60 17.31 7.59
CA LYS A 159 -3.20 16.95 8.87
C LYS A 159 -4.36 15.99 8.70
N CYS A 160 -5.06 16.07 7.56
CA CYS A 160 -6.15 15.13 7.30
C CYS A 160 -5.63 13.72 7.06
N LYS A 161 -4.52 13.60 6.31
CA LYS A 161 -3.94 12.29 6.08
C LYS A 161 -3.42 11.67 7.37
N ASP A 162 -2.87 12.50 8.26
CA ASP A 162 -2.40 11.99 9.55
C ASP A 162 -3.56 11.64 10.46
N ALA A 163 -4.70 12.33 10.31
CA ALA A 163 -5.90 11.98 11.06
C ALA A 163 -6.61 10.75 10.50
N GLY A 164 -6.10 10.16 9.43
CA GLY A 164 -6.69 8.97 8.87
C GLY A 164 -8.01 9.16 8.18
N LEU A 165 -8.35 10.39 7.80
CA LEU A 165 -9.58 10.65 7.05
C LEU A 165 -9.37 10.58 5.54
N ALA A 166 -8.12 10.69 5.09
CA ALA A 166 -7.78 10.48 3.69
C ALA A 166 -6.51 9.66 3.62
N LYS A 167 -6.61 8.46 3.05
CA LYS A 167 -5.43 7.61 2.91
C LYS A 167 -4.36 8.29 2.08
N SER A 168 -4.75 8.89 0.96
CA SER A 168 -3.85 9.65 0.10
C SER A 168 -4.40 11.06 -0.09
N ILE A 169 -3.52 11.98 -0.45
CA ILE A 169 -3.89 13.36 -0.76
C ILE A 169 -3.16 13.78 -2.03
N GLY A 170 -3.77 14.71 -2.76
CA GLY A 170 -3.20 15.20 -3.98
C GLY A 170 -3.82 16.52 -4.38
N VAL A 171 -3.62 16.88 -5.65
CA VAL A 171 -4.10 18.15 -6.18
C VAL A 171 -4.80 17.90 -7.52
N SER A 172 -5.40 18.96 -8.05
CA SER A 172 -6.08 18.91 -9.34
C SER A 172 -5.98 20.27 -10.01
N ASN A 173 -5.78 20.26 -11.33
CA ASN A 173 -5.74 21.46 -12.15
C ASN A 173 -4.54 22.37 -11.80
N PHE A 174 -3.48 21.78 -11.25
CA PHE A 174 -2.26 22.51 -10.97
C PHE A 174 -1.36 22.47 -12.20
N ASN A 175 -0.70 23.60 -12.48
CA ASN A 175 0.34 23.59 -13.50
C ASN A 175 1.66 23.19 -12.84
N ARG A 176 2.76 23.28 -13.59
CA ARG A 176 4.04 22.79 -13.08
C ARG A 176 4.57 23.65 -11.93
N ARG A 177 4.56 24.95 -12.13
CA ARG A 177 5.06 25.91 -11.12
C ARG A 177 4.20 25.85 -9.86
N GLN A 178 2.89 25.66 -10.01
CA GLN A 178 2.01 25.47 -8.87
C GLN A 178 2.34 24.18 -8.14
N LEU A 179 2.77 23.17 -8.89
CA LEU A 179 3.24 21.93 -8.28
C LEU A 179 4.57 22.15 -7.57
N GLU A 180 5.51 22.83 -8.24
CA GLU A 180 6.82 23.11 -7.66
C GLU A 180 6.71 23.84 -6.34
N MET A 181 5.73 24.75 -6.23
CA MET A 181 5.51 25.46 -4.98
C MET A 181 5.26 24.51 -3.83
N ILE A 182 4.48 23.45 -4.06
CA ILE A 182 4.25 22.44 -3.03
C ILE A 182 5.50 21.58 -2.84
N LEU A 183 6.12 21.15 -3.94
CA LEU A 183 7.28 20.27 -3.85
C LEU A 183 8.45 20.92 -3.12
N ASN A 184 8.59 22.23 -3.24
CA ASN A 184 9.67 22.97 -2.59
C ASN A 184 9.18 23.75 -1.38
N LYS A 185 8.23 23.18 -0.64
CA LYS A 185 7.73 23.82 0.57
C LYS A 185 8.56 23.39 1.77
N PRO A 186 9.09 24.33 2.56
CA PRO A 186 9.85 23.95 3.75
C PRO A 186 8.97 23.23 4.75
N GLY A 187 9.44 22.08 5.22
CA GLY A 187 8.66 21.26 6.13
C GLY A 187 7.65 20.36 5.47
N LEU A 188 7.75 20.16 4.16
CA LEU A 188 6.82 19.29 3.45
C LEU A 188 6.90 17.88 4.00
N LYS A 189 5.76 17.35 4.43
CA LYS A 189 5.67 15.99 4.96
C LYS A 189 5.25 14.99 3.88
N TYR A 190 4.20 15.30 3.12
CA TYR A 190 3.72 14.44 2.05
C TYR A 190 3.72 15.21 0.74
N LYS A 191 4.05 14.52 -0.31
CA LYS A 191 3.98 14.95 -1.70
C LYS A 191 2.61 14.64 -2.27
N PRO A 192 2.12 15.45 -3.21
CA PRO A 192 0.86 15.11 -3.87
C PRO A 192 1.01 13.83 -4.69
N VAL A 193 0.20 12.82 -4.35
CA VAL A 193 0.29 11.55 -5.07
C VAL A 193 -0.15 11.69 -6.51
N CYS A 194 -0.96 12.70 -6.82
CA CYS A 194 -1.53 12.83 -8.16
C CYS A 194 -1.87 14.30 -8.42
N ASN A 195 -2.13 14.58 -9.70
CA ASN A 195 -2.54 15.92 -10.14
C ASN A 195 -3.54 15.71 -11.27
N GLN A 196 -4.83 15.80 -10.94
CA GLN A 196 -5.90 15.50 -11.89
C GLN A 196 -6.14 16.71 -12.78
N VAL A 197 -5.84 16.59 -14.07
CA VAL A 197 -5.99 17.68 -15.02
C VAL A 197 -6.76 17.18 -16.24
N GLU A 198 -7.14 18.13 -17.09
CA GLU A 198 -7.75 17.80 -18.38
C GLU A 198 -6.69 17.24 -19.31
N CYS A 199 -6.93 16.04 -19.84
CA CYS A 199 -5.96 15.39 -20.71
C CYS A 199 -6.70 14.48 -21.68
N HIS A 200 -6.33 14.58 -22.95
CA HIS A 200 -6.91 13.81 -24.05
C HIS A 200 -6.03 14.01 -25.27
N PRO A 201 -6.18 13.20 -26.33
CA PRO A 201 -5.28 13.33 -27.49
C PRO A 201 -5.11 14.75 -28.01
N TYR A 202 -6.12 15.60 -27.88
CA TYR A 202 -5.99 17.00 -28.30
C TYR A 202 -5.24 17.86 -27.27
N PHE A 203 -5.15 17.40 -26.02
CA PHE A 203 -4.55 18.13 -24.92
C PHE A 203 -3.67 17.20 -24.09
N ASN A 204 -2.75 16.49 -24.76
CA ASN A 204 -2.07 15.35 -24.16
C ASN A 204 -1.27 15.69 -22.90
N ARG A 205 -0.94 16.96 -22.67
CA ARG A 205 -0.18 17.38 -21.48
C ARG A 205 1.14 16.63 -21.35
N SER A 206 1.85 16.46 -22.47
CA SER A 206 3.06 15.65 -22.45
C SER A 206 4.14 16.27 -21.58
N LYS A 207 4.32 17.59 -21.67
CA LYS A 207 5.34 18.25 -20.87
C LYS A 207 5.06 18.10 -19.37
N LEU A 208 3.84 18.40 -18.95
CA LEU A 208 3.46 18.21 -17.56
C LEU A 208 3.59 16.76 -17.13
N LEU A 209 3.31 15.82 -18.04
CA LEU A 209 3.37 14.40 -17.69
C LEU A 209 4.79 13.97 -17.37
N ASP A 210 5.77 14.41 -18.16
CA ASP A 210 7.16 14.09 -17.86
C ASP A 210 7.61 14.69 -16.54
N PHE A 211 7.09 15.87 -16.19
CA PHE A 211 7.44 16.49 -14.92
C PHE A 211 6.93 15.68 -13.75
N CYS A 212 5.66 15.26 -13.80
CA CYS A 212 5.08 14.49 -12.71
C CYS A 212 5.76 13.13 -12.60
N LYS A 213 6.14 12.53 -13.73
CA LYS A 213 6.81 11.23 -13.68
C LYS A 213 8.18 11.33 -13.04
N SER A 214 8.87 12.46 -13.22
CA SER A 214 10.17 12.65 -12.59
C SER A 214 10.07 12.95 -11.10
N LYS A 215 8.86 13.09 -10.56
CA LYS A 215 8.63 13.26 -9.13
C LYS A 215 7.77 12.16 -8.54
N ASP A 216 7.49 11.11 -9.32
CA ASP A 216 6.59 10.03 -8.91
C ASP A 216 5.22 10.59 -8.51
N ILE A 217 4.70 11.48 -9.35
CA ILE A 217 3.34 12.00 -9.21
C ILE A 217 2.52 11.46 -10.36
N VAL A 218 1.38 10.86 -10.03
CA VAL A 218 0.55 10.20 -11.03
C VAL A 218 -0.35 11.24 -11.69
N LEU A 219 -0.19 11.41 -13.00
CA LEU A 219 -1.13 12.25 -13.76
C LEU A 219 -2.46 11.53 -13.88
N VAL A 220 -3.55 12.28 -13.65
CA VAL A 220 -4.91 11.73 -13.74
C VAL A 220 -5.68 12.55 -14.77
N ALA A 221 -6.13 11.88 -15.83
CA ALA A 221 -6.75 12.55 -16.96
C ALA A 221 -8.26 12.57 -16.79
N TYR A 222 -8.83 13.78 -16.73
CA TYR A 222 -10.27 13.94 -16.86
C TYR A 222 -10.58 14.52 -18.23
N SER A 223 -11.85 14.40 -18.63
CA SER A 223 -12.35 14.83 -19.96
C SER A 223 -11.51 14.16 -21.04
N ALA A 224 -11.17 12.89 -20.79
CA ALA A 224 -10.36 12.01 -21.68
C ALA A 224 -11.15 11.63 -22.93
N LEU A 225 -12.47 11.64 -22.83
CA LEU A 225 -13.39 11.35 -23.96
C LEU A 225 -13.82 12.66 -24.61
N GLY A 226 -13.18 13.78 -24.27
CA GLY A 226 -13.45 15.09 -24.87
C GLY A 226 -14.48 15.92 -24.14
N SER A 227 -14.83 15.51 -22.93
CA SER A 227 -15.78 16.19 -21.99
C SER A 227 -17.25 15.94 -22.37
N GLN A 228 -18.15 16.50 -21.55
CA GLN A 228 -19.61 16.35 -21.78
C GLN A 228 -20.10 17.46 -22.71
N ARG A 229 -19.21 18.40 -23.06
CA ARG A 229 -19.44 19.53 -23.99
C ARG A 229 -20.55 20.44 -23.49
N ASP A 230 -20.58 20.66 -22.18
CA ASP A 230 -21.59 21.58 -21.64
C ASP A 230 -21.40 22.96 -22.24
N LYS A 231 -22.50 23.51 -22.77
CA LYS A 231 -22.47 24.85 -23.34
C LYS A 231 -22.06 25.91 -22.33
N ARG A 232 -22.15 25.60 -21.04
CA ARG A 232 -21.70 26.54 -20.01
C ARG A 232 -20.21 26.84 -20.14
N TRP A 233 -19.41 25.87 -20.59
CA TRP A 233 -17.96 26.01 -20.60
C TRP A 233 -17.30 25.69 -21.94
N VAL A 234 -17.98 25.02 -22.86
CA VAL A 234 -17.35 24.49 -24.07
C VAL A 234 -17.88 25.23 -25.28
N ASP A 235 -16.96 25.64 -26.16
CA ASP A 235 -17.36 26.26 -27.43
C ASP A 235 -17.96 25.20 -28.35
N PRO A 236 -19.18 25.40 -28.85
CA PRO A 236 -19.79 24.40 -29.74
C PRO A 236 -19.08 24.25 -31.08
N ASN A 237 -18.12 25.11 -31.41
CA ASN A 237 -17.38 24.99 -32.65
C ASN A 237 -16.10 24.19 -32.50
N SER A 238 -15.69 23.87 -31.28
CA SER A 238 -14.51 23.03 -31.08
C SER A 238 -14.74 21.65 -31.68
N PRO A 239 -13.69 20.99 -32.15
CA PRO A 239 -13.87 19.66 -32.75
C PRO A 239 -14.28 18.64 -31.70
N VAL A 240 -15.08 17.67 -32.15
CA VAL A 240 -15.47 16.56 -31.30
C VAL A 240 -14.33 15.54 -31.30
N LEU A 241 -13.85 15.19 -30.10
CA LEU A 241 -12.68 14.33 -29.98
C LEU A 241 -12.93 12.96 -30.62
N LEU A 242 -14.02 12.29 -30.23
CA LEU A 242 -14.28 10.94 -30.70
C LEU A 242 -14.81 10.90 -32.13
N GLU A 243 -14.86 12.03 -32.82
CA GLU A 243 -15.07 12.07 -34.26
C GLU A 243 -13.76 12.36 -35.01
N ASP A 244 -12.63 12.20 -34.33
CA ASP A 244 -11.34 12.39 -34.97
C ASP A 244 -11.07 11.27 -35.96
N PRO A 245 -10.64 11.59 -37.19
CA PRO A 245 -10.40 10.52 -38.17
C PRO A 245 -9.36 9.50 -37.73
N VAL A 246 -8.35 9.91 -36.97
CA VAL A 246 -7.32 8.96 -36.55
C VAL A 246 -7.87 8.01 -35.50
N LEU A 247 -8.63 8.53 -34.52
CA LEU A 247 -9.20 7.68 -33.50
C LEU A 247 -10.28 6.75 -34.07
N CYS A 248 -11.01 7.22 -35.09
CA CYS A 248 -11.98 6.35 -35.76
C CYS A 248 -11.27 5.26 -36.56
N ALA A 249 -10.22 5.63 -37.30
CA ALA A 249 -9.50 4.65 -38.10
C ALA A 249 -8.84 3.59 -37.21
N LEU A 250 -8.42 3.97 -36.01
CA LEU A 250 -7.89 2.98 -35.07
C LEU A 250 -9.01 2.14 -34.48
N ALA A 251 -10.17 2.74 -34.24
CA ALA A 251 -11.33 1.98 -33.82
C ALA A 251 -11.72 0.93 -34.85
N LYS A 252 -11.54 1.24 -36.14
CA LYS A 252 -11.77 0.23 -37.18
C LYS A 252 -10.72 -0.87 -37.11
N LYS A 253 -9.45 -0.51 -36.89
CA LYS A 253 -8.37 -1.48 -36.93
C LYS A 253 -8.49 -2.50 -35.82
N HIS A 254 -8.76 -2.04 -34.59
CA HIS A 254 -8.92 -2.94 -33.45
C HIS A 254 -10.37 -3.33 -33.21
N LYS A 255 -11.27 -3.06 -34.17
CA LYS A 255 -12.70 -3.32 -34.07
C LYS A 255 -13.32 -2.79 -32.77
N ARG A 256 -12.68 -1.78 -32.18
CA ARG A 256 -13.16 -1.16 -30.96
C ARG A 256 -13.88 0.14 -31.29
N THR A 257 -14.20 0.92 -30.25
CA THR A 257 -14.85 2.21 -30.36
C THR A 257 -13.82 3.33 -30.31
N PRO A 258 -14.15 4.51 -30.85
CA PRO A 258 -13.23 5.66 -30.68
C PRO A 258 -12.98 5.99 -29.22
N ALA A 259 -13.94 5.70 -28.33
CA ALA A 259 -13.74 5.98 -26.92
C ALA A 259 -12.73 5.04 -26.29
N LEU A 260 -12.80 3.75 -26.63
CA LEU A 260 -11.85 2.78 -26.10
C LEU A 260 -10.43 3.13 -26.53
N ILE A 261 -10.27 3.66 -27.74
CA ILE A 261 -8.95 4.09 -28.19
C ILE A 261 -8.43 5.24 -27.33
N ALA A 262 -9.31 6.19 -27.00
CA ALA A 262 -8.90 7.35 -26.21
C ALA A 262 -8.48 6.94 -24.80
N LEU A 263 -9.19 5.98 -24.19
CA LEU A 263 -8.87 5.56 -22.84
C LEU A 263 -7.59 4.71 -22.83
N ARG A 264 -7.50 3.76 -23.75
CA ARG A 264 -6.31 2.90 -23.81
C ARG A 264 -5.05 3.72 -24.04
N TYR A 265 -5.14 4.78 -24.85
CA TYR A 265 -4.00 5.65 -25.08
C TYR A 265 -3.40 6.17 -23.79
N GLN A 266 -4.26 6.61 -22.85
CA GLN A 266 -3.75 7.12 -21.59
C GLN A 266 -3.15 6.01 -20.73
N LEU A 267 -3.75 4.82 -20.76
CA LEU A 267 -3.24 3.73 -19.93
C LEU A 267 -1.84 3.33 -20.35
N GLN A 268 -1.60 3.24 -21.65
CA GLN A 268 -0.30 2.78 -22.14
C GLN A 268 0.81 3.80 -21.96
N ARG A 269 0.47 5.06 -21.67
CA ARG A 269 1.46 6.10 -21.41
C ARG A 269 1.59 6.44 -19.93
N GLY A 270 1.06 5.59 -19.06
CA GLY A 270 1.23 5.77 -17.62
C GLY A 270 0.30 6.80 -17.01
N VAL A 271 -0.85 7.07 -17.63
CA VAL A 271 -1.80 8.06 -17.14
C VAL A 271 -3.03 7.33 -16.63
N VAL A 272 -3.40 7.58 -15.38
CA VAL A 272 -4.66 7.08 -14.85
C VAL A 272 -5.81 7.86 -15.51
N VAL A 273 -6.74 7.14 -16.10
CA VAL A 273 -7.79 7.74 -16.92
C VAL A 273 -9.12 7.65 -16.18
N LEU A 274 -9.92 8.70 -16.29
CA LEU A 274 -11.30 8.70 -15.85
C LEU A 274 -12.21 8.60 -17.07
N ALA A 275 -13.41 8.08 -16.84
CA ALA A 275 -14.39 7.94 -17.92
C ALA A 275 -15.78 8.07 -17.31
N LYS A 276 -16.49 9.14 -17.66
CA LYS A 276 -17.84 9.36 -17.18
C LYS A 276 -18.84 8.87 -18.23
N SER A 277 -19.89 8.21 -17.76
CA SER A 277 -20.97 7.78 -18.62
C SER A 277 -22.18 7.49 -17.76
N TYR A 278 -23.36 7.92 -18.22
CA TYR A 278 -24.61 7.62 -17.56
C TYR A 278 -25.49 6.70 -18.42
N ASN A 279 -24.84 5.82 -19.18
CA ASN A 279 -25.51 4.85 -20.04
C ASN A 279 -24.95 3.48 -19.72
N GLU A 280 -25.82 2.55 -19.32
CA GLU A 280 -25.35 1.25 -18.85
C GLU A 280 -24.45 0.58 -19.89
N GLN A 281 -24.81 0.67 -21.17
CA GLN A 281 -24.02 -0.05 -22.17
C GLN A 281 -22.65 0.59 -22.36
N ARG A 282 -22.56 1.91 -22.33
CA ARG A 282 -21.27 2.57 -22.46
C ARG A 282 -20.45 2.51 -21.17
N ILE A 283 -21.09 2.23 -20.03
CA ILE A 283 -20.33 1.99 -18.81
C ILE A 283 -19.61 0.66 -18.88
N ARG A 284 -20.33 -0.41 -19.25
CA ARG A 284 -19.71 -1.72 -19.37
C ARG A 284 -18.71 -1.77 -20.52
N GLN A 285 -18.96 -1.02 -21.60
CA GLN A 285 -18.04 -1.01 -22.72
C GLN A 285 -16.72 -0.34 -22.38
N ASN A 286 -16.71 0.55 -21.38
CA ASN A 286 -15.49 1.29 -21.06
C ASN A 286 -14.47 0.39 -20.37
N VAL A 287 -14.93 -0.54 -19.52
CA VAL A 287 -14.01 -1.48 -18.88
C VAL A 287 -13.39 -2.46 -19.88
N GLN A 288 -13.91 -2.51 -21.11
CA GLN A 288 -13.29 -3.31 -22.16
C GLN A 288 -11.94 -2.75 -22.59
N VAL A 289 -11.47 -1.67 -21.95
CA VAL A 289 -10.17 -1.10 -22.28
C VAL A 289 -9.01 -2.01 -21.88
N PHE A 290 -9.26 -3.04 -21.08
CA PHE A 290 -8.23 -3.97 -20.67
C PHE A 290 -8.09 -5.16 -21.61
N GLU A 291 -9.03 -5.33 -22.55
CA GLU A 291 -9.03 -6.52 -23.40
C GLU A 291 -8.02 -6.43 -24.54
N PHE A 292 -7.68 -5.22 -24.98
CA PHE A 292 -6.86 -5.04 -26.16
C PHE A 292 -5.68 -4.13 -25.85
N GLN A 293 -4.86 -3.89 -26.87
CA GLN A 293 -3.63 -3.13 -26.72
C GLN A 293 -3.35 -2.41 -28.04
N LEU A 294 -2.72 -1.25 -27.93
CA LEU A 294 -2.32 -0.46 -29.10
C LEU A 294 -0.83 -0.67 -29.37
N THR A 295 -0.47 -0.67 -30.65
CA THR A 295 0.94 -0.84 -31.01
C THR A 295 1.74 0.42 -30.68
N ALA A 296 3.05 0.32 -30.83
CA ALA A 296 3.91 1.48 -30.65
C ALA A 296 3.63 2.54 -31.71
N GLU A 297 3.23 2.13 -32.91
CA GLU A 297 2.88 3.08 -33.95
C GLU A 297 1.60 3.82 -33.60
N ASP A 298 0.57 3.10 -33.15
CA ASP A 298 -0.70 3.75 -32.87
C ASP A 298 -0.57 4.76 -31.74
N MET A 299 0.21 4.43 -30.71
CA MET A 299 0.48 5.43 -29.67
C MET A 299 1.11 6.67 -30.27
N LYS A 300 2.03 6.49 -31.22
CA LYS A 300 2.65 7.63 -31.89
C LYS A 300 1.62 8.44 -32.67
N ALA A 301 0.73 7.75 -33.38
CA ALA A 301 -0.29 8.45 -34.18
C ALA A 301 -1.18 9.30 -33.28
N ILE A 302 -1.51 8.81 -32.09
CA ILE A 302 -2.39 9.56 -31.19
C ILE A 302 -1.66 10.74 -30.59
N ASP A 303 -0.35 10.60 -30.33
CA ASP A 303 0.42 11.72 -29.80
C ASP A 303 0.43 12.90 -30.76
N GLY A 304 0.37 12.64 -32.05
CA GLY A 304 0.39 13.67 -33.07
C GLY A 304 -0.91 14.43 -33.25
N LEU A 305 -1.96 14.07 -32.54
CA LEU A 305 -3.21 14.81 -32.60
C LEU A 305 -3.21 16.03 -31.70
N ASP A 306 -2.19 16.18 -30.86
CA ASP A 306 -2.15 17.26 -29.88
C ASP A 306 -2.31 18.62 -30.55
N ARG A 307 -3.21 19.44 -29.98
CA ARG A 307 -3.45 20.77 -30.51
C ARG A 307 -3.55 21.83 -29.41
N ASN A 308 -3.18 21.50 -28.18
CA ASN A 308 -3.21 22.44 -27.05
C ASN A 308 -4.61 23.04 -26.86
N LEU A 309 -5.62 22.20 -27.00
CA LEU A 309 -7.02 22.63 -26.93
C LEU A 309 -7.64 22.08 -25.65
N HIS A 310 -7.90 22.97 -24.70
CA HIS A 310 -8.63 22.61 -23.48
C HIS A 310 -10.09 23.01 -23.68
N TYR A 311 -10.99 22.02 -23.56
CA TYR A 311 -12.40 22.24 -23.88
C TYR A 311 -13.06 23.21 -22.91
N PHE A 312 -12.65 23.22 -21.65
CA PHE A 312 -13.15 24.20 -20.69
C PHE A 312 -12.45 25.53 -20.90
N ASN A 313 -13.21 26.55 -21.32
CA ASN A 313 -12.66 27.90 -21.41
C ASN A 313 -13.71 28.94 -21.02
N SER A 314 -13.36 29.83 -20.09
CA SER A 314 -14.26 30.81 -19.51
C SER A 314 -13.45 32.07 -19.25
N ASP A 315 -14.05 33.22 -19.51
CA ASP A 315 -13.32 34.47 -19.25
C ASP A 315 -13.26 34.77 -17.77
N SER A 316 -14.22 34.25 -16.99
CA SER A 316 -14.26 34.54 -15.56
C SER A 316 -13.01 34.04 -14.85
N PHE A 317 -12.69 32.76 -15.05
CA PHE A 317 -11.55 32.18 -14.36
C PHE A 317 -10.22 32.56 -15.00
N ALA A 318 -10.23 32.99 -16.27
CA ALA A 318 -9.00 33.31 -16.97
C ALA A 318 -8.28 34.52 -16.37
N SER A 319 -8.98 35.35 -15.59
CA SER A 319 -8.37 36.48 -14.92
C SER A 319 -7.97 36.17 -13.49
N HIS A 320 -8.13 34.92 -13.06
CA HIS A 320 -7.69 34.53 -11.73
C HIS A 320 -6.15 34.44 -11.71
N PRO A 321 -5.51 34.95 -10.66
CA PRO A 321 -4.03 34.86 -10.61
C PRO A 321 -3.52 33.44 -10.53
N ASN A 322 -4.35 32.47 -10.14
CA ASN A 322 -3.96 31.07 -10.10
C ASN A 322 -4.51 30.27 -11.28
N TYR A 323 -5.05 30.93 -12.29
CA TYR A 323 -5.50 30.30 -13.52
C TYR A 323 -4.33 29.53 -14.14
N PRO A 324 -4.41 28.21 -14.20
CA PRO A 324 -3.21 27.43 -14.54
C PRO A 324 -2.76 27.56 -15.98
N TYR A 325 -3.67 27.79 -16.91
CA TYR A 325 -3.30 27.84 -18.32
C TYR A 325 -2.76 29.22 -18.69
N SER A 326 -1.98 29.26 -19.78
CA SER A 326 -1.39 30.50 -20.25
C SER A 326 -1.21 30.47 -21.77
N GLN B 12 18.96 -30.10 6.60
CA GLN B 12 17.75 -29.35 6.88
C GLN B 12 18.04 -28.07 7.67
N CYS B 13 19.24 -27.98 8.23
CA CYS B 13 19.60 -26.90 9.13
C CYS B 13 20.73 -26.06 8.56
N VAL B 14 20.85 -24.85 9.09
CA VAL B 14 21.97 -23.96 8.82
C VAL B 14 22.65 -23.64 10.15
N LYS B 15 23.98 -23.55 10.13
CA LYS B 15 24.75 -23.28 11.34
C LYS B 15 24.84 -21.77 11.57
N LEU B 16 24.56 -21.34 12.79
CA LEU B 16 24.66 -19.94 13.16
C LEU B 16 26.08 -19.60 13.59
N ASN B 17 26.36 -18.30 13.69
CA ASN B 17 27.71 -17.88 14.05
C ASN B 17 28.03 -18.10 15.52
N ASP B 18 27.09 -18.60 16.31
CA ASP B 18 27.33 -18.92 17.71
C ASP B 18 27.38 -20.43 17.97
N GLY B 19 27.42 -21.24 16.90
CA GLY B 19 27.54 -22.68 17.04
C GLY B 19 26.24 -23.45 17.00
N HIS B 20 25.11 -22.78 17.15
CA HIS B 20 23.82 -23.47 17.14
C HIS B 20 23.32 -23.67 15.71
N PHE B 21 22.27 -24.45 15.58
CA PHE B 21 21.69 -24.79 14.28
C PHE B 21 20.26 -24.29 14.20
N MET B 22 19.87 -23.83 13.01
CA MET B 22 18.53 -23.31 12.77
C MET B 22 17.94 -24.02 11.56
N PRO B 23 16.78 -24.66 11.69
CA PRO B 23 16.15 -25.26 10.51
C PRO B 23 15.79 -24.20 9.48
N VAL B 24 16.00 -24.54 8.20
CA VAL B 24 15.82 -23.57 7.13
C VAL B 24 14.36 -23.26 6.84
N LEU B 25 13.43 -24.08 7.32
CA LEU B 25 12.00 -23.87 7.12
C LEU B 25 11.33 -23.66 8.47
N GLY B 26 10.70 -22.51 8.65
CA GLY B 26 10.06 -22.19 9.91
C GLY B 26 8.55 -22.02 9.81
N PHE B 27 7.87 -22.18 10.93
CA PHE B 27 6.41 -22.07 10.99
C PHE B 27 6.04 -20.71 11.58
N GLY B 28 5.34 -19.89 10.80
CA GLY B 28 4.84 -18.62 11.30
C GLY B 28 3.56 -18.84 12.07
N THR B 29 3.49 -18.27 13.28
CA THR B 29 2.40 -18.55 14.21
C THR B 29 1.51 -17.35 14.48
N TYR B 30 1.66 -16.24 13.75
CA TYR B 30 0.82 -15.09 14.02
C TYR B 30 -0.51 -15.20 13.30
N ALA B 31 -1.60 -15.08 14.05
CA ALA B 31 -2.93 -14.94 13.52
C ALA B 31 -3.56 -13.66 14.05
N PRO B 32 -4.36 -12.97 13.25
CA PRO B 32 -5.01 -11.77 13.75
C PRO B 32 -5.91 -12.09 14.92
N PRO B 33 -6.14 -11.12 15.82
CA PRO B 33 -6.96 -11.42 17.01
C PRO B 33 -8.38 -11.88 16.69
N GLU B 34 -8.81 -11.78 15.43
CA GLU B 34 -10.09 -12.36 15.04
C GLU B 34 -10.13 -13.86 15.29
N VAL B 35 -8.97 -14.52 15.30
CA VAL B 35 -8.89 -15.97 15.40
C VAL B 35 -8.84 -16.36 16.87
N PRO B 36 -9.65 -17.32 17.31
CA PRO B 36 -9.53 -17.81 18.69
C PRO B 36 -8.15 -18.36 18.96
N ARG B 37 -7.62 -18.04 20.15
CA ARG B 37 -6.25 -18.40 20.47
C ARG B 37 -6.02 -19.90 20.51
N SER B 38 -7.07 -20.70 20.69
CA SER B 38 -6.92 -22.14 20.74
C SER B 38 -6.45 -22.71 19.40
N LYS B 39 -6.77 -22.04 18.29
CA LYS B 39 -6.34 -22.51 16.98
C LYS B 39 -4.82 -22.49 16.85
N ALA B 40 -4.13 -21.67 17.63
CA ALA B 40 -2.67 -21.73 17.65
C ALA B 40 -2.19 -23.08 18.18
N LEU B 41 -2.86 -23.61 19.22
CA LEU B 41 -2.51 -24.93 19.72
C LEU B 41 -2.76 -26.00 18.67
N GLU B 42 -3.85 -25.87 17.90
CA GLU B 42 -4.19 -26.88 16.92
C GLU B 42 -3.21 -26.88 15.75
N VAL B 43 -2.94 -25.69 15.17
CA VAL B 43 -2.15 -25.64 13.95
C VAL B 43 -0.67 -25.82 14.22
N THR B 44 -0.18 -25.44 15.40
CA THR B 44 1.21 -25.70 15.73
C THR B 44 1.45 -27.19 15.96
N LYS B 45 0.47 -27.88 16.53
CA LYS B 45 0.52 -29.34 16.59
C LYS B 45 0.59 -29.93 15.19
N LEU B 46 -0.23 -29.41 14.27
CA LEU B 46 -0.24 -29.92 12.90
C LEU B 46 1.07 -29.63 12.19
N ALA B 47 1.66 -28.45 12.45
CA ALA B 47 2.92 -28.11 11.80
C ALA B 47 4.04 -29.07 12.19
N ILE B 48 4.13 -29.40 13.49
CA ILE B 48 5.13 -30.34 13.94
C ILE B 48 4.86 -31.73 13.36
N GLU B 49 3.59 -32.14 13.32
CA GLU B 49 3.24 -33.41 12.69
C GLU B 49 3.64 -33.42 11.22
N ALA B 50 3.47 -32.30 10.53
CA ALA B 50 3.82 -32.22 9.12
C ALA B 50 5.33 -32.19 8.89
N GLY B 51 6.13 -31.97 9.94
CA GLY B 51 7.57 -31.98 9.83
C GLY B 51 8.25 -30.69 10.25
N PHE B 52 7.51 -29.62 10.54
CA PHE B 52 8.13 -28.37 10.94
C PHE B 52 8.88 -28.55 12.25
N ARG B 53 10.15 -28.13 12.26
CA ARG B 53 10.99 -28.09 13.44
C ARG B 53 11.22 -26.68 13.97
N HIS B 54 10.96 -25.66 13.16
CA HIS B 54 11.26 -24.28 13.48
C HIS B 54 9.93 -23.55 13.67
N ILE B 55 9.73 -22.95 14.85
CA ILE B 55 8.47 -22.33 15.22
C ILE B 55 8.75 -20.89 15.65
N ASP B 56 8.08 -19.94 15.00
CA ASP B 56 8.34 -18.51 15.17
C ASP B 56 7.16 -17.86 15.89
N SER B 57 7.38 -17.44 17.13
CA SER B 57 6.37 -16.72 17.89
C SER B 57 6.93 -15.41 18.42
N ALA B 58 6.17 -14.72 19.28
CA ALA B 58 6.59 -13.47 19.87
C ALA B 58 5.60 -13.09 20.96
N HIS B 59 6.03 -12.18 21.83
CA HIS B 59 5.12 -11.65 22.85
C HIS B 59 4.00 -10.84 22.21
N LEU B 60 4.26 -10.22 21.06
CA LEU B 60 3.23 -9.45 20.39
C LEU B 60 2.09 -10.34 19.89
N TYR B 61 2.39 -11.58 19.49
CA TYR B 61 1.40 -12.42 18.83
C TYR B 61 0.30 -12.88 19.78
N ASN B 62 0.51 -12.78 21.09
CA ASN B 62 -0.46 -13.20 22.10
C ASN B 62 -0.80 -14.68 21.98
N ASN B 63 0.19 -15.50 21.60
CA ASN B 63 -0.06 -16.93 21.46
C ASN B 63 1.05 -17.78 22.08
N GLU B 64 1.85 -17.21 22.98
CA GLU B 64 2.99 -17.95 23.52
C GLU B 64 2.54 -19.12 24.40
N GLU B 65 1.45 -18.94 25.16
CA GLU B 65 0.92 -20.06 25.91
C GLU B 65 0.48 -21.18 24.97
N GLN B 66 -0.27 -20.83 23.90
CA GLN B 66 -0.85 -21.85 23.05
C GLN B 66 0.21 -22.55 22.22
N VAL B 67 1.21 -21.80 21.72
CA VAL B 67 2.27 -22.40 20.94
C VAL B 67 3.16 -23.28 21.81
N GLY B 68 3.48 -22.83 23.03
CA GLY B 68 4.30 -23.62 23.92
C GLY B 68 3.64 -24.91 24.35
N LEU B 69 2.31 -24.92 24.43
CA LEU B 69 1.59 -26.12 24.83
C LEU B 69 1.45 -27.11 23.67
N ALA B 70 1.43 -26.63 22.42
CA ALA B 70 1.56 -27.52 21.27
C ALA B 70 2.94 -28.15 21.22
N ILE B 71 3.98 -27.40 21.62
CA ILE B 71 5.32 -27.96 21.68
C ILE B 71 5.42 -28.98 22.81
N ARG B 72 4.87 -28.65 23.98
CA ARG B 72 4.91 -29.57 25.11
C ARG B 72 4.20 -30.88 24.78
N SER B 73 3.11 -30.80 24.02
CA SER B 73 2.34 -31.99 23.70
C SER B 73 3.10 -32.93 22.79
N LYS B 74 3.69 -32.40 21.71
CA LYS B 74 4.45 -33.23 20.79
C LYS B 74 5.69 -33.83 21.44
N ILE B 75 6.18 -33.24 22.53
CA ILE B 75 7.20 -33.91 23.33
C ILE B 75 6.57 -34.99 24.19
N ALA B 76 5.41 -34.69 24.78
CA ALA B 76 4.78 -35.63 25.71
C ALA B 76 4.39 -36.94 25.03
N ASP B 77 4.02 -36.90 23.75
CA ASP B 77 3.67 -38.09 23.01
C ASP B 77 4.84 -38.69 22.23
N GLY B 78 6.06 -38.26 22.56
CA GLY B 78 7.27 -38.86 22.01
C GLY B 78 7.50 -38.62 20.53
N SER B 79 6.65 -37.85 19.87
CA SER B 79 6.89 -37.57 18.46
C SER B 79 8.17 -36.75 18.27
N VAL B 80 8.60 -36.03 19.30
CA VAL B 80 9.65 -35.03 19.16
C VAL B 80 10.27 -34.80 20.54
N LYS B 81 11.55 -34.41 20.56
CA LYS B 81 12.20 -34.00 21.80
C LYS B 81 12.58 -32.53 21.73
N ARG B 82 12.67 -31.91 22.91
CA ARG B 82 12.87 -30.47 23.02
C ARG B 82 14.08 -30.00 22.22
N GLU B 83 15.16 -30.79 22.22
CA GLU B 83 16.34 -30.42 21.45
C GLU B 83 16.11 -30.48 19.96
N ASP B 84 15.07 -31.19 19.51
CA ASP B 84 14.72 -31.22 18.08
C ASP B 84 13.94 -29.99 17.64
N ILE B 85 13.48 -29.16 18.58
CA ILE B 85 12.59 -28.03 18.29
C ILE B 85 13.37 -26.72 18.40
N PHE B 86 13.16 -25.84 17.44
CA PHE B 86 13.78 -24.52 17.40
C PHE B 86 12.69 -23.48 17.60
N TYR B 87 12.57 -22.97 18.82
CA TYR B 87 11.51 -22.03 19.17
C TYR B 87 12.05 -20.60 19.16
N THR B 88 11.31 -19.69 18.54
CA THR B 88 11.69 -18.29 18.43
C THR B 88 10.65 -17.42 19.11
N SER B 89 11.09 -16.63 20.08
CA SER B 89 10.29 -15.58 20.68
C SER B 89 11.01 -14.25 20.51
N LYS B 90 10.27 -13.16 20.60
CA LYS B 90 10.80 -11.84 20.30
C LYS B 90 10.52 -10.87 21.43
N LEU B 91 11.45 -9.93 21.61
CA LEU B 91 11.30 -8.85 22.58
C LEU B 91 10.57 -7.68 21.92
N TRP B 92 9.43 -7.31 22.48
CA TRP B 92 8.62 -6.26 21.89
C TRP B 92 9.23 -4.88 22.15
N SER B 93 8.82 -3.91 21.34
CA SER B 93 9.39 -2.56 21.31
C SER B 93 9.09 -1.74 22.55
N THR B 94 8.26 -2.22 23.47
CA THR B 94 7.99 -1.50 24.71
C THR B 94 8.87 -1.97 25.87
N PHE B 95 9.74 -2.94 25.64
CA PHE B 95 10.68 -3.41 26.66
C PHE B 95 12.12 -3.25 26.19
N HIS B 96 12.40 -2.23 25.39
CA HIS B 96 13.74 -2.01 24.87
C HIS B 96 14.70 -1.56 25.96
N ARG B 97 14.20 -0.91 27.00
CA ARG B 97 15.09 -0.43 28.05
C ARG B 97 15.75 -1.61 28.75
N PRO B 98 17.05 -1.51 29.07
CA PRO B 98 17.82 -2.72 29.44
C PRO B 98 17.26 -3.48 30.63
N GLU B 99 16.82 -2.77 31.67
CA GLU B 99 16.29 -3.45 32.86
C GLU B 99 14.97 -4.17 32.58
N LEU B 100 14.39 -4.00 31.40
CA LEU B 100 13.13 -4.65 31.03
C LEU B 100 13.32 -5.89 30.17
N VAL B 101 14.50 -6.06 29.56
CA VAL B 101 14.68 -7.11 28.57
C VAL B 101 14.56 -8.49 29.21
N ARG B 102 15.37 -8.75 30.24
CA ARG B 102 15.35 -10.06 30.89
C ARG B 102 14.00 -10.36 31.55
N PRO B 103 13.38 -9.45 32.31
CA PRO B 103 12.05 -9.77 32.87
C PRO B 103 11.01 -10.05 31.80
N ALA B 104 11.17 -9.50 30.59
CA ALA B 104 10.24 -9.81 29.51
C ALA B 104 10.50 -11.21 28.97
N LEU B 105 11.77 -11.60 28.87
CA LEU B 105 12.10 -12.94 28.40
C LEU B 105 11.62 -14.01 29.37
N GLU B 106 11.88 -13.81 30.67
CA GLU B 106 11.39 -14.76 31.67
C GLU B 106 9.87 -14.78 31.71
N ASN B 107 9.21 -13.70 31.29
CA ASN B 107 7.75 -13.73 31.17
C ASN B 107 7.32 -14.57 29.98
N SER B 108 8.00 -14.41 28.83
CA SER B 108 7.69 -15.25 27.68
C SER B 108 7.98 -16.71 27.95
N LEU B 109 9.02 -17.00 28.74
CA LEU B 109 9.31 -18.39 29.12
C LEU B 109 8.19 -18.98 29.96
N LYS B 110 7.77 -18.26 31.00
CA LYS B 110 6.76 -18.78 31.90
C LYS B 110 5.44 -19.06 31.20
N LYS B 111 5.08 -18.23 30.21
CA LYS B 111 3.81 -18.42 29.52
C LYS B 111 3.88 -19.61 28.58
N ALA B 112 4.96 -19.73 27.80
CA ALA B 112 5.16 -20.94 27.01
C ALA B 112 5.55 -22.14 27.88
N GLN B 113 5.84 -21.92 29.16
CA GLN B 113 6.27 -22.98 30.07
C GLN B 113 7.48 -23.74 29.52
N LEU B 114 8.40 -22.99 28.93
CA LEU B 114 9.65 -23.53 28.43
C LEU B 114 10.80 -23.06 29.29
N ASP B 115 11.83 -23.92 29.42
CA ASP B 115 13.00 -23.57 30.18
C ASP B 115 13.90 -22.58 29.44
N TYR B 116 13.77 -22.49 28.12
CA TYR B 116 14.61 -21.63 27.31
C TYR B 116 13.97 -21.43 25.96
N VAL B 117 14.38 -20.38 25.27
CA VAL B 117 14.05 -20.19 23.87
C VAL B 117 15.30 -20.49 23.04
N ASP B 118 15.10 -21.09 21.87
CA ASP B 118 16.23 -21.32 20.97
C ASP B 118 16.70 -20.03 20.31
N LEU B 119 15.83 -19.03 20.23
CA LEU B 119 16.18 -17.75 19.62
C LEU B 119 15.35 -16.65 20.25
N TYR B 120 16.01 -15.56 20.62
CA TYR B 120 15.35 -14.36 21.15
C TYR B 120 15.73 -13.20 20.25
N LEU B 121 14.72 -12.51 19.71
CA LEU B 121 14.94 -11.42 18.77
C LEU B 121 14.48 -10.09 19.36
N ILE B 122 15.18 -9.03 18.98
CA ILE B 122 14.64 -7.67 19.08
C ILE B 122 13.62 -7.54 17.95
N HIS B 123 12.33 -7.50 18.31
CA HIS B 123 11.28 -7.57 17.30
C HIS B 123 11.42 -6.46 16.27
N SER B 124 11.80 -5.26 16.71
CA SER B 124 11.87 -4.11 15.82
C SER B 124 12.76 -3.06 16.47
N PRO B 125 13.46 -2.25 15.68
CA PRO B 125 14.26 -1.17 16.26
C PRO B 125 13.46 0.05 16.69
N MET B 126 12.15 0.08 16.40
CA MET B 126 11.32 1.25 16.64
C MET B 126 10.76 1.17 18.05
N SER B 127 11.51 1.74 19.00
CA SER B 127 11.15 1.65 20.41
C SER B 127 9.90 2.48 20.72
N LEU B 128 9.13 2.02 21.70
CA LEU B 128 7.91 2.67 22.13
C LEU B 128 7.94 2.85 23.64
N LYS B 129 7.02 3.65 24.14
CA LYS B 129 6.96 3.96 25.56
C LYS B 129 6.79 2.69 26.38
N PRO B 130 7.58 2.48 27.42
CA PRO B 130 7.44 1.26 28.23
C PRO B 130 6.18 1.30 29.06
N GLY B 131 5.62 0.11 29.32
CA GLY B 131 4.49 0.01 30.20
C GLY B 131 3.59 -1.15 29.82
N GLU B 132 2.34 -1.05 30.27
CA GLU B 132 1.40 -2.17 30.17
C GLU B 132 0.96 -2.43 28.73
N GLU B 133 0.70 -1.37 27.97
CA GLU B 133 0.10 -1.49 26.65
C GLU B 133 1.17 -1.77 25.60
N LEU B 134 0.90 -2.76 24.74
CA LEU B 134 1.83 -3.08 23.67
C LEU B 134 1.85 -2.03 22.57
N SER B 135 0.79 -1.23 22.46
CA SER B 135 0.73 -0.10 21.53
C SER B 135 0.33 1.13 22.34
N PRO B 136 1.29 1.73 23.05
CA PRO B 136 0.96 2.82 23.98
C PRO B 136 0.34 4.00 23.25
N THR B 137 -0.84 4.41 23.71
CA THR B 137 -1.64 5.43 23.05
C THR B 137 -1.74 6.69 23.92
N ASP B 138 -1.81 7.83 23.25
CA ASP B 138 -1.92 9.13 23.90
C ASP B 138 -3.36 9.65 23.78
N GLU B 139 -3.56 10.92 24.14
CA GLU B 139 -4.88 11.54 24.09
C GLU B 139 -5.44 11.65 22.67
N ASN B 140 -4.61 11.53 21.64
CA ASN B 140 -5.05 11.73 20.26
C ASN B 140 -4.94 10.46 19.42
N GLY B 141 -4.80 9.30 20.05
CA GLY B 141 -4.70 8.05 19.30
C GLY B 141 -3.46 7.95 18.45
N LYS B 142 -2.39 8.66 18.80
CA LYS B 142 -1.11 8.52 18.13
C LYS B 142 -0.15 7.76 19.03
N VAL B 143 0.68 6.90 18.41
CA VAL B 143 1.56 6.03 19.16
C VAL B 143 2.69 6.84 19.81
N ILE B 144 3.03 6.49 21.04
CA ILE B 144 4.00 7.23 21.84
C ILE B 144 5.36 6.55 21.68
N PHE B 145 6.27 7.21 20.99
CA PHE B 145 7.62 6.68 20.81
C PHE B 145 8.44 6.83 22.09
N ASP B 146 9.46 5.99 22.19
CA ASP B 146 10.51 6.15 23.20
C ASP B 146 11.85 6.27 22.48
N ILE B 147 12.87 6.68 23.21
CA ILE B 147 14.20 6.90 22.66
C ILE B 147 15.15 6.00 23.44
N VAL B 148 15.59 4.92 22.79
CA VAL B 148 16.45 3.92 23.40
C VAL B 148 17.69 3.75 22.53
N ASP B 149 18.86 3.74 23.16
CA ASP B 149 20.08 3.29 22.50
C ASP B 149 20.06 1.77 22.52
N LEU B 150 19.74 1.16 21.38
CA LEU B 150 19.58 -0.28 21.27
C LEU B 150 20.87 -1.04 21.52
N CYS B 151 22.02 -0.36 21.53
CA CYS B 151 23.25 -1.04 21.92
C CYS B 151 23.20 -1.45 23.38
N THR B 152 22.56 -0.65 24.23
CA THR B 152 22.34 -1.06 25.61
C THR B 152 21.30 -2.17 25.66
N THR B 153 20.27 -2.10 24.82
CA THR B 153 19.31 -3.19 24.71
C THR B 153 20.00 -4.49 24.33
N TRP B 154 20.87 -4.44 23.32
CA TRP B 154 21.61 -5.63 22.91
C TRP B 154 22.56 -6.10 24.02
N GLU B 155 23.07 -5.18 24.83
CA GLU B 155 23.89 -5.58 25.97
C GLU B 155 23.10 -6.47 26.92
N ALA B 156 21.79 -6.21 27.07
CA ALA B 156 20.95 -7.06 27.90
C ALA B 156 20.58 -8.36 27.20
N MET B 157 20.45 -8.34 25.88
CA MET B 157 20.20 -9.58 25.14
C MET B 157 21.38 -10.54 25.27
N GLU B 158 22.60 -10.01 25.38
CA GLU B 158 23.76 -10.87 25.58
C GLU B 158 23.76 -11.49 26.97
N LYS B 159 23.34 -10.72 27.98
CA LYS B 159 23.21 -11.27 29.32
C LYS B 159 22.22 -12.43 29.36
N CYS B 160 21.21 -12.41 28.47
CA CYS B 160 20.26 -13.51 28.41
C CYS B 160 20.90 -14.76 27.81
N LYS B 161 21.83 -14.60 26.87
CA LYS B 161 22.49 -15.75 26.26
C LYS B 161 23.50 -16.38 27.22
N ASP B 162 24.21 -15.55 28.00
CA ASP B 162 25.14 -16.08 28.99
C ASP B 162 24.40 -16.86 30.06
N ALA B 163 23.21 -16.41 30.42
CA ALA B 163 22.39 -17.08 31.44
C ALA B 163 21.67 -18.30 30.90
N GLY B 164 21.84 -18.63 29.62
CA GLY B 164 21.20 -19.80 29.04
C GLY B 164 19.72 -19.65 28.75
N LEU B 165 19.10 -18.53 29.14
CA LEU B 165 17.68 -18.35 28.88
C LEU B 165 17.39 -18.30 27.39
N ALA B 166 18.35 -17.85 26.59
CA ALA B 166 18.24 -17.86 25.13
C ALA B 166 19.47 -18.54 24.56
N LYS B 167 19.24 -19.54 23.70
CA LYS B 167 20.35 -20.21 23.03
C LYS B 167 21.10 -19.22 22.14
N SER B 168 20.40 -18.61 21.20
CA SER B 168 20.95 -17.58 20.33
C SER B 168 20.17 -16.29 20.52
N ILE B 169 20.71 -15.21 19.95
CA ILE B 169 20.04 -13.92 19.95
C ILE B 169 20.27 -13.26 18.60
N GLY B 170 19.27 -12.50 18.16
CA GLY B 170 19.35 -11.79 16.91
C GLY B 170 18.45 -10.59 16.91
N VAL B 171 18.21 -10.05 15.71
CA VAL B 171 17.38 -8.86 15.54
C VAL B 171 16.38 -9.12 14.41
N SER B 172 15.42 -8.20 14.30
CA SER B 172 14.42 -8.26 13.25
C SER B 172 14.11 -6.86 12.76
N ASN B 173 13.82 -6.74 11.47
CA ASN B 173 13.49 -5.48 10.80
C ASN B 173 14.64 -4.48 10.82
N PHE B 174 15.87 -4.94 11.08
CA PHE B 174 17.02 -4.04 11.08
C PHE B 174 17.49 -3.78 9.65
N ASN B 175 17.95 -2.56 9.40
CA ASN B 175 18.55 -2.25 8.11
C ASN B 175 20.06 -2.48 8.18
N ARG B 176 20.76 -2.15 7.09
CA ARG B 176 22.22 -2.31 7.06
C ARG B 176 22.90 -1.39 8.07
N ARG B 177 22.47 -0.13 8.14
CA ARG B 177 23.07 0.80 9.09
C ARG B 177 22.82 0.34 10.53
N GLN B 178 21.56 0.00 10.85
CA GLN B 178 21.25 -0.46 12.21
C GLN B 178 21.99 -1.74 12.54
N LEU B 179 22.29 -2.57 11.53
CA LEU B 179 23.11 -3.75 11.77
C LEU B 179 24.54 -3.36 12.12
N GLU B 180 25.08 -2.35 11.43
CA GLU B 180 26.43 -1.89 11.74
C GLU B 180 26.52 -1.28 13.13
N MET B 181 25.43 -0.69 13.63
CA MET B 181 25.42 -0.14 14.98
C MET B 181 25.76 -1.21 16.01
N ILE B 182 25.22 -2.41 15.84
CA ILE B 182 25.51 -3.50 16.77
C ILE B 182 26.89 -4.09 16.51
N LEU B 183 27.23 -4.28 15.23
CA LEU B 183 28.50 -4.93 14.90
C LEU B 183 29.69 -4.08 15.35
N ASN B 184 29.62 -2.77 15.16
CA ASN B 184 30.69 -1.86 15.54
C ASN B 184 30.61 -1.42 17.01
N LYS B 185 29.77 -2.07 17.80
CA LYS B 185 29.63 -1.68 19.20
C LYS B 185 30.91 -1.99 19.96
N PRO B 186 31.44 -1.05 20.75
CA PRO B 186 32.63 -1.34 21.55
C PRO B 186 32.36 -2.41 22.59
N GLY B 187 33.30 -3.33 22.74
CA GLY B 187 33.14 -4.41 23.68
C GLY B 187 32.07 -5.42 23.30
N LEU B 188 31.67 -5.46 22.03
CA LEU B 188 30.62 -6.37 21.59
C LEU B 188 31.02 -7.81 21.88
N LYS B 189 30.08 -8.56 22.46
CA LYS B 189 30.33 -9.95 22.84
C LYS B 189 29.78 -10.93 21.82
N TYR B 190 28.48 -10.85 21.53
CA TYR B 190 27.81 -11.79 20.64
C TYR B 190 27.21 -11.05 19.46
N LYS B 191 27.60 -11.45 18.25
CA LYS B 191 26.98 -10.92 17.05
C LYS B 191 25.53 -11.40 16.96
N PRO B 192 24.70 -10.71 16.19
CA PRO B 192 23.38 -11.25 15.89
C PRO B 192 23.49 -12.44 14.96
N VAL B 193 22.78 -13.52 15.29
CA VAL B 193 22.81 -14.69 14.43
C VAL B 193 21.92 -14.52 13.21
N CYS B 194 20.92 -13.65 13.27
CA CYS B 194 19.98 -13.51 12.16
C CYS B 194 19.39 -12.10 12.16
N ASN B 195 18.75 -11.76 11.04
CA ASN B 195 18.02 -10.50 10.89
C ASN B 195 16.73 -10.83 10.14
N GLN B 196 15.65 -10.96 10.88
CA GLN B 196 14.37 -11.35 10.30
C GLN B 196 13.71 -10.13 9.68
N VAL B 197 13.59 -10.11 8.36
CA VAL B 197 13.02 -8.98 7.64
C VAL B 197 11.96 -9.49 6.66
N GLU B 198 11.18 -8.56 6.14
CA GLU B 198 10.27 -8.89 5.05
C GLU B 198 11.07 -9.19 3.80
N CYS B 199 10.79 -10.33 3.17
CA CYS B 199 11.59 -10.78 2.04
C CYS B 199 10.76 -11.71 1.18
N HIS B 200 10.60 -11.38 -0.10
CA HIS B 200 9.81 -12.16 -1.04
C HIS B 200 10.19 -11.71 -2.45
N PRO B 201 9.73 -12.43 -3.48
CA PRO B 201 10.10 -12.05 -4.85
C PRO B 201 9.90 -10.57 -5.20
N TYR B 202 8.94 -9.88 -4.58
CA TYR B 202 8.75 -8.47 -4.85
C TYR B 202 9.64 -7.57 -3.99
N PHE B 203 10.12 -8.09 -2.85
CA PHE B 203 11.06 -7.38 -1.97
C PHE B 203 12.12 -8.41 -1.57
N ASN B 204 13.14 -8.60 -2.43
CA ASN B 204 14.03 -9.74 -2.25
C ASN B 204 15.23 -9.42 -1.36
N ARG B 205 15.42 -8.16 -0.98
CA ARG B 205 16.46 -7.75 -0.05
C ARG B 205 17.84 -8.20 -0.56
N SER B 206 18.08 -7.96 -1.84
CA SER B 206 19.27 -8.50 -2.50
C SER B 206 20.54 -7.96 -1.86
N LYS B 207 20.66 -6.64 -1.74
CA LYS B 207 21.88 -6.06 -1.17
C LYS B 207 22.00 -6.38 0.31
N LEU B 208 20.88 -6.31 1.05
CA LEU B 208 20.92 -6.64 2.47
C LEU B 208 21.35 -8.07 2.70
N LEU B 209 20.88 -8.99 1.86
CA LEU B 209 21.26 -10.40 1.99
C LEU B 209 22.76 -10.59 1.79
N ASP B 210 23.34 -9.94 0.78
CA ASP B 210 24.77 -10.05 0.54
C ASP B 210 25.56 -9.48 1.72
N PHE B 211 25.12 -8.35 2.27
CA PHE B 211 25.79 -7.77 3.42
C PHE B 211 25.72 -8.70 4.63
N CYS B 212 24.55 -9.31 4.85
CA CYS B 212 24.40 -10.22 5.98
C CYS B 212 25.26 -11.47 5.80
N LYS B 213 25.43 -11.94 4.56
CA LYS B 213 26.25 -13.11 4.31
C LYS B 213 27.71 -12.83 4.66
N SER B 214 28.19 -11.63 4.35
CA SER B 214 29.60 -11.29 4.58
C SER B 214 29.93 -11.23 6.06
N LYS B 215 28.95 -10.98 6.93
CA LYS B 215 29.16 -10.94 8.37
C LYS B 215 28.73 -12.23 9.06
N ASP B 216 28.38 -13.26 8.28
CA ASP B 216 27.86 -14.52 8.81
C ASP B 216 26.59 -14.28 9.63
N ILE B 217 25.66 -13.55 9.05
CA ILE B 217 24.34 -13.31 9.63
C ILE B 217 23.31 -13.93 8.70
N VAL B 218 22.41 -14.74 9.27
CA VAL B 218 21.40 -15.42 8.48
C VAL B 218 20.24 -14.46 8.24
N LEU B 219 19.81 -14.34 6.98
CA LEU B 219 18.62 -13.57 6.66
C LEU B 219 17.40 -14.48 6.73
N VAL B 220 16.49 -14.17 7.64
CA VAL B 220 15.24 -14.91 7.81
C VAL B 220 14.12 -14.11 7.18
N ALA B 221 13.39 -14.73 6.26
CA ALA B 221 12.34 -14.08 5.50
C ALA B 221 10.99 -14.30 6.14
N TYR B 222 10.28 -13.19 6.32
CA TYR B 222 8.89 -13.17 6.77
C TYR B 222 8.08 -12.56 5.63
N SER B 223 6.78 -12.88 5.58
CA SER B 223 5.88 -12.45 4.48
C SER B 223 6.43 -12.95 3.14
N ALA B 224 6.92 -14.19 3.12
CA ALA B 224 7.49 -14.89 1.96
C ALA B 224 6.36 -15.28 1.02
N LEU B 225 5.15 -15.43 1.55
CA LEU B 225 3.96 -15.76 0.75
C LEU B 225 3.16 -14.48 0.46
N GLY B 226 3.80 -13.33 0.59
CA GLY B 226 3.20 -12.03 0.24
C GLY B 226 2.37 -11.41 1.35
N SER B 227 2.50 -11.97 2.55
CA SER B 227 1.88 -11.57 3.84
C SER B 227 0.44 -12.08 3.99
N GLN B 228 -0.09 -11.90 5.20
CA GLN B 228 -1.48 -12.19 5.62
C GLN B 228 -2.42 -11.16 5.00
N ARG B 229 -1.89 -9.97 4.70
CA ARG B 229 -2.55 -8.83 3.99
C ARG B 229 -3.53 -8.10 4.88
N ASP B 230 -3.21 -8.00 6.18
CA ASP B 230 -4.07 -7.28 7.09
C ASP B 230 -4.34 -5.87 6.56
N LYS B 231 -5.63 -5.51 6.47
CA LYS B 231 -6.00 -4.19 5.99
C LYS B 231 -5.43 -3.09 6.86
N ARG B 232 -5.02 -3.41 8.09
CA ARG B 232 -4.44 -2.41 8.97
C ARG B 232 -3.10 -1.91 8.45
N TRP B 233 -2.30 -2.81 7.85
CA TRP B 233 -0.94 -2.47 7.44
C TRP B 233 -0.66 -2.62 5.95
N VAL B 234 -1.51 -3.30 5.19
CA VAL B 234 -1.24 -3.61 3.80
C VAL B 234 -2.36 -3.05 2.94
N ASP B 235 -1.98 -2.40 1.84
CA ASP B 235 -2.97 -1.86 0.93
C ASP B 235 -3.64 -2.99 0.17
N PRO B 236 -4.98 -3.05 0.13
CA PRO B 236 -5.64 -4.18 -0.53
C PRO B 236 -5.53 -4.16 -2.04
N ASN B 237 -5.15 -3.03 -2.64
CA ASN B 237 -4.99 -2.96 -4.09
C ASN B 237 -3.55 -3.24 -4.53
N SER B 238 -2.66 -3.56 -3.59
CA SER B 238 -1.32 -3.99 -3.95
C SER B 238 -1.38 -5.39 -4.58
N PRO B 239 -0.43 -5.71 -5.46
CA PRO B 239 -0.48 -7.02 -6.14
C PRO B 239 -0.32 -8.17 -5.15
N VAL B 240 -1.09 -9.22 -5.39
CA VAL B 240 -1.01 -10.43 -4.57
C VAL B 240 0.15 -11.28 -5.10
N LEU B 241 1.11 -11.58 -4.21
CA LEU B 241 2.34 -12.24 -4.64
C LEU B 241 2.06 -13.60 -5.26
N LEU B 242 1.18 -14.38 -4.66
CA LEU B 242 0.90 -15.72 -5.17
C LEU B 242 0.08 -15.70 -6.46
N GLU B 243 -0.24 -14.51 -6.95
CA GLU B 243 -1.02 -14.42 -8.20
C GLU B 243 -0.07 -13.99 -9.33
N ASP B 244 1.21 -13.88 -9.04
CA ASP B 244 2.18 -13.43 -10.03
C ASP B 244 2.23 -14.41 -11.21
N PRO B 245 2.22 -13.92 -12.45
CA PRO B 245 2.17 -14.84 -13.60
C PRO B 245 3.41 -15.72 -13.71
N VAL B 246 4.59 -15.17 -13.42
CA VAL B 246 5.81 -15.96 -13.50
C VAL B 246 5.82 -17.06 -12.44
N LEU B 247 5.41 -16.73 -11.22
CA LEU B 247 5.34 -17.72 -10.16
C LEU B 247 4.36 -18.83 -10.51
N CYS B 248 3.23 -18.48 -11.13
CA CYS B 248 2.25 -19.49 -11.51
C CYS B 248 2.72 -20.32 -12.70
N ALA B 249 3.37 -19.68 -13.67
CA ALA B 249 3.88 -20.42 -14.83
C ALA B 249 4.91 -21.45 -14.40
N LEU B 250 5.78 -21.10 -13.47
CA LEU B 250 6.76 -22.05 -12.96
C LEU B 250 6.10 -23.12 -12.11
N ALA B 251 5.10 -22.73 -11.32
CA ALA B 251 4.32 -23.70 -10.56
C ALA B 251 3.75 -24.77 -11.48
N LYS B 252 3.26 -24.37 -12.65
CA LYS B 252 2.80 -25.36 -13.63
C LYS B 252 3.95 -26.18 -14.17
N LYS B 253 5.12 -25.55 -14.34
CA LYS B 253 6.27 -26.26 -14.90
C LYS B 253 6.72 -27.40 -14.00
N HIS B 254 6.80 -27.15 -12.70
CA HIS B 254 7.25 -28.14 -11.73
C HIS B 254 6.11 -28.88 -11.05
N LYS B 255 4.86 -28.64 -11.47
CA LYS B 255 3.68 -29.28 -10.88
C LYS B 255 3.55 -28.99 -9.39
N ARG B 256 3.96 -27.80 -8.97
CA ARG B 256 3.83 -27.36 -7.59
C ARG B 256 2.93 -26.13 -7.51
N THR B 257 2.82 -25.56 -6.31
CA THR B 257 1.99 -24.40 -6.13
C THR B 257 2.85 -23.13 -6.10
N PRO B 258 2.29 -21.98 -6.50
CA PRO B 258 3.07 -20.73 -6.45
C PRO B 258 3.68 -20.44 -5.10
N ALA B 259 3.04 -20.89 -4.01
CA ALA B 259 3.63 -20.73 -2.68
C ALA B 259 4.93 -21.52 -2.57
N LEU B 260 4.89 -22.80 -2.96
CA LEU B 260 6.10 -23.63 -2.91
C LEU B 260 7.23 -23.03 -3.72
N ILE B 261 6.90 -22.37 -4.85
CA ILE B 261 7.92 -21.71 -5.65
C ILE B 261 8.57 -20.59 -4.86
N ALA B 262 7.75 -19.76 -4.19
CA ALA B 262 8.29 -18.64 -3.42
C ALA B 262 9.11 -19.12 -2.24
N LEU B 263 8.74 -20.24 -1.63
CA LEU B 263 9.53 -20.77 -0.51
C LEU B 263 10.81 -21.43 -1.00
N ARG B 264 10.75 -22.14 -2.13
CA ARG B 264 11.96 -22.73 -2.70
C ARG B 264 12.94 -21.65 -3.14
N TYR B 265 12.42 -20.56 -3.72
CA TYR B 265 13.25 -19.44 -4.14
C TYR B 265 14.15 -18.97 -3.00
N GLN B 266 13.60 -18.84 -1.79
CA GLN B 266 14.39 -18.35 -0.67
C GLN B 266 15.43 -19.39 -0.23
N LEU B 267 15.08 -20.67 -0.25
CA LEU B 267 16.00 -21.70 0.23
C LEU B 267 17.22 -21.80 -0.67
N GLN B 268 17.04 -21.57 -1.97
CA GLN B 268 18.15 -21.66 -2.93
C GLN B 268 18.95 -20.37 -3.02
N ARG B 269 18.74 -19.43 -2.11
CA ARG B 269 19.56 -18.23 -2.00
C ARG B 269 20.30 -18.13 -0.67
N GLY B 270 20.11 -19.11 0.23
CA GLY B 270 20.69 -19.01 1.55
C GLY B 270 19.85 -18.20 2.51
N VAL B 271 18.53 -18.24 2.37
CA VAL B 271 17.60 -17.49 3.21
C VAL B 271 16.70 -18.48 3.94
N VAL B 272 16.78 -18.48 5.27
CA VAL B 272 15.82 -19.23 6.07
C VAL B 272 14.45 -18.59 5.88
N VAL B 273 13.44 -19.42 5.59
CA VAL B 273 12.14 -18.93 5.18
C VAL B 273 11.09 -19.38 6.19
N LEU B 274 10.16 -18.48 6.48
CA LEU B 274 9.01 -18.78 7.32
C LEU B 274 7.75 -18.95 6.47
N ALA B 275 6.81 -19.74 6.98
CA ALA B 275 5.56 -20.01 6.27
C ALA B 275 4.45 -20.09 7.29
N LYS B 276 3.55 -19.11 7.28
CA LYS B 276 2.37 -19.13 8.14
C LYS B 276 1.21 -19.76 7.39
N SER B 277 0.48 -20.63 8.07
CA SER B 277 -0.75 -21.20 7.53
C SER B 277 -1.53 -21.81 8.68
N TYR B 278 -2.80 -21.39 8.82
CA TYR B 278 -3.70 -22.00 9.79
C TYR B 278 -4.61 -23.04 9.13
N ASN B 279 -4.18 -23.61 8.00
CA ASN B 279 -4.94 -24.57 7.23
C ASN B 279 -4.16 -25.88 7.19
N GLU B 280 -4.80 -26.97 7.60
CA GLU B 280 -4.09 -28.25 7.75
C GLU B 280 -3.43 -28.67 6.44
N GLN B 281 -4.16 -28.57 5.33
CA GLN B 281 -3.63 -29.06 4.05
C GLN B 281 -2.49 -28.17 3.56
N ARG B 282 -2.59 -26.85 3.78
CA ARG B 282 -1.52 -25.96 3.35
C ARG B 282 -0.30 -26.03 4.26
N ILE B 283 -0.50 -26.37 5.54
CA ILE B 283 0.63 -26.61 6.42
C ILE B 283 1.47 -27.78 5.92
N ARG B 284 0.80 -28.85 5.49
CA ARG B 284 1.50 -30.03 5.01
C ARG B 284 1.99 -29.90 3.58
N GLN B 285 1.40 -29.01 2.78
CA GLN B 285 1.90 -28.77 1.43
C GLN B 285 3.20 -27.98 1.47
N ASN B 286 3.38 -27.12 2.47
CA ASN B 286 4.55 -26.25 2.53
C ASN B 286 5.83 -27.03 2.79
N VAL B 287 5.76 -28.13 3.54
CA VAL B 287 6.94 -28.95 3.78
C VAL B 287 7.43 -29.65 2.51
N GLN B 288 6.63 -29.63 1.44
CA GLN B 288 7.05 -30.21 0.17
C GLN B 288 8.07 -29.34 -0.56
N VAL B 289 8.55 -28.26 0.08
CA VAL B 289 9.54 -27.39 -0.56
C VAL B 289 10.84 -28.16 -0.81
N PHE B 290 11.11 -29.21 -0.02
CA PHE B 290 12.33 -29.99 -0.14
C PHE B 290 12.26 -31.05 -1.23
N GLU B 291 11.12 -31.21 -1.90
CA GLU B 291 10.94 -32.30 -2.86
C GLU B 291 11.33 -31.95 -4.28
N PHE B 292 11.63 -30.68 -4.57
CA PHE B 292 11.96 -30.26 -5.92
C PHE B 292 13.01 -29.16 -5.88
N GLN B 293 13.60 -28.89 -7.03
CA GLN B 293 14.61 -27.85 -7.19
C GLN B 293 14.23 -26.94 -8.35
N LEU B 294 14.65 -25.68 -8.25
CA LEU B 294 14.44 -24.69 -9.28
C LEU B 294 15.69 -24.53 -10.13
N THR B 295 15.49 -24.25 -11.43
CA THR B 295 16.58 -24.02 -12.36
C THR B 295 17.31 -22.73 -12.00
N ALA B 296 18.52 -22.58 -12.54
CA ALA B 296 19.18 -21.28 -12.53
C ALA B 296 18.42 -20.27 -13.36
N GLU B 297 17.78 -20.72 -14.44
CA GLU B 297 16.92 -19.83 -15.22
C GLU B 297 15.64 -19.51 -14.47
N ASP B 298 15.10 -20.48 -13.72
CA ASP B 298 13.96 -20.20 -12.87
C ASP B 298 14.32 -19.20 -11.77
N MET B 299 15.48 -19.40 -11.14
CA MET B 299 15.94 -18.46 -10.11
C MET B 299 16.13 -17.07 -10.68
N LYS B 300 16.62 -16.97 -11.92
CA LYS B 300 16.85 -15.68 -12.54
C LYS B 300 15.54 -14.93 -12.73
N ALA B 301 14.51 -15.61 -13.23
CA ALA B 301 13.24 -14.95 -13.52
C ALA B 301 12.57 -14.43 -12.25
N ILE B 302 12.74 -15.14 -11.13
CA ILE B 302 12.16 -14.66 -9.87
C ILE B 302 12.91 -13.44 -9.36
N ASP B 303 14.20 -13.31 -9.72
CA ASP B 303 14.94 -12.11 -9.34
C ASP B 303 14.41 -10.87 -10.06
N GLY B 304 13.99 -11.04 -11.32
CA GLY B 304 13.45 -9.94 -12.08
C GLY B 304 12.14 -9.38 -11.56
N LEU B 305 11.50 -10.06 -10.61
CA LEU B 305 10.21 -9.63 -10.10
C LEU B 305 10.32 -8.60 -8.98
N ASP B 306 11.52 -8.29 -8.51
CA ASP B 306 11.67 -7.37 -7.39
C ASP B 306 11.14 -5.98 -7.75
N ARG B 307 10.18 -5.49 -6.96
CA ARG B 307 9.53 -4.22 -7.21
C ARG B 307 9.84 -3.17 -6.16
N ASN B 308 10.70 -3.48 -5.19
CA ASN B 308 10.89 -2.63 -4.01
C ASN B 308 9.55 -2.33 -3.35
N LEU B 309 8.80 -3.38 -3.07
CA LEU B 309 7.46 -3.29 -2.51
C LEU B 309 7.43 -4.03 -1.18
N HIS B 310 7.42 -3.28 -0.08
CA HIS B 310 7.18 -3.85 1.24
C HIS B 310 5.70 -3.68 1.56
N TYR B 311 5.03 -4.79 1.83
CA TYR B 311 3.58 -4.76 2.02
C TYR B 311 3.19 -4.03 3.30
N PHE B 312 4.04 -4.08 4.32
CA PHE B 312 3.73 -3.43 5.58
C PHE B 312 4.05 -1.94 5.47
N ASN B 313 3.05 -1.09 5.71
CA ASN B 313 3.16 0.33 5.49
C ASN B 313 2.38 1.06 6.57
N SER B 314 3.00 2.06 7.18
CA SER B 314 2.34 2.84 8.23
C SER B 314 2.92 4.24 8.25
N ASP B 315 2.06 5.25 8.07
CA ASP B 315 2.51 6.64 8.18
C ASP B 315 3.04 6.94 9.57
N SER B 316 2.51 6.27 10.60
CA SER B 316 3.00 6.48 11.96
C SER B 316 4.43 5.96 12.11
N PHE B 317 4.66 4.69 11.80
CA PHE B 317 5.99 4.12 11.97
C PHE B 317 7.01 4.76 11.03
N ALA B 318 6.57 5.21 9.85
CA ALA B 318 7.49 5.82 8.90
C ALA B 318 8.13 7.09 9.44
N SER B 319 7.56 7.68 10.48
CA SER B 319 8.15 8.86 11.11
C SER B 319 9.13 8.52 12.22
N HIS B 320 9.10 7.29 12.72
CA HIS B 320 9.97 6.91 13.83
C HIS B 320 11.43 7.11 13.44
N PRO B 321 12.28 7.61 14.34
CA PRO B 321 13.70 7.81 14.00
C PRO B 321 14.41 6.54 13.58
N ASN B 322 14.01 5.38 14.11
CA ASN B 322 14.63 4.10 13.77
C ASN B 322 13.84 3.35 12.71
N TYR B 323 13.04 4.05 11.91
CA TYR B 323 12.33 3.44 10.80
C TYR B 323 13.33 2.85 9.81
N PRO B 324 13.28 1.55 9.52
CA PRO B 324 14.35 0.93 8.73
C PRO B 324 14.27 1.19 7.23
N TYR B 325 13.11 1.60 6.71
CA TYR B 325 12.97 1.85 5.29
C TYR B 325 13.18 3.34 4.98
N SER B 326 13.32 3.63 3.70
CA SER B 326 13.46 5.01 3.23
C SER B 326 13.33 5.08 1.70
PA NAP C . -15.81 12.39 -20.22
O1A NAP C . -14.84 13.27 -20.99
O2A NAP C . -15.06 11.25 -19.53
O5B NAP C . -16.93 11.75 -21.27
C5B NAP C . -17.55 12.63 -22.23
C4B NAP C . -18.80 11.92 -22.78
O4B NAP C . -18.42 10.78 -23.37
C3B NAP C . -19.69 11.46 -21.62
O3B NAP C . -20.65 12.36 -21.39
C2B NAP C . -20.32 10.11 -22.13
O2B NAP C . -21.77 10.33 -22.47
C1B NAP C . -19.66 9.75 -23.20
N9A NAP C . -19.17 8.41 -23.09
C8A NAP C . -18.80 7.65 -22.03
N7A NAP C . -18.40 6.44 -22.51
C5A NAP C . -18.54 6.46 -23.85
C6A NAP C . -18.28 5.51 -24.82
N6A NAP C . -17.78 4.15 -24.62
N1A NAP C . -18.51 5.78 -26.11
C2A NAP C . -18.98 7.00 -26.48
N3A NAP C . -19.23 7.95 -25.53
C4A NAP C . -19.00 7.67 -24.22
O3 NAP C . -16.65 13.30 -19.07
PN NAP C . -16.01 14.53 -18.21
O1N NAP C . -17.05 15.06 -17.29
O2N NAP C . -15.53 15.61 -19.12
O5D NAP C . -14.75 13.92 -17.33
C5D NAP C . -14.94 12.62 -16.71
C4D NAP C . -14.83 12.76 -15.17
O4D NAP C . -13.74 13.41 -14.89
C3D NAP C . -15.97 13.64 -14.62
O3D NAP C . -17.12 12.94 -14.38
C2D NAP C . -15.35 14.17 -13.31
O2D NAP C . -15.51 13.13 -12.25
C1D NAP C . -14.07 14.32 -13.58
N1N NAP C . -13.72 15.71 -13.81
C2N NAP C . -12.85 16.32 -12.96
C3N NAP C . -12.50 17.65 -13.16
C7N NAP C . -11.53 18.34 -12.21
O7N NAP C . -11.45 19.53 -12.19
N7N NAP C . -10.69 17.54 -11.32
C4N NAP C . -13.01 18.35 -14.20
C5N NAP C . -13.88 17.75 -15.06
C6N NAP C . -14.23 16.41 -14.86
P2B NAP C . -22.92 9.46 -21.67
O1X NAP C . -23.01 9.93 -20.27
O2X NAP C . -24.26 9.65 -22.36
O3X NAP C . -22.56 7.99 -21.69
C4 8IH D . -11.56 25.68 -16.35
C5 8IH D . -12.50 24.82 -15.81
C6 8IH D . -12.12 23.85 -14.88
C7 8IH D . -13.13 22.91 -14.31
C8 8IH D . -13.81 22.04 -15.15
C10 8IH D . -15.07 21.13 -13.31
C13 8IH D . -12.78 23.83 -11.95
C15 8IH D . -15.46 18.87 -12.30
C17 8IH D . -18.15 21.05 -13.95
C1 8IH D . -10.77 23.75 -14.54
C11 8IH D . -14.40 22.01 -12.46
C12 8IH D . -13.45 22.91 -12.93
C14 8IH D . -16.11 20.17 -12.77
C16 8IH D . -17.25 19.87 -13.74
C2 8IH D . -9.84 24.61 -15.09
C3 8IH D . -10.22 25.59 -16.00
C9 8IH D . -14.75 21.15 -14.67
F1 8IH D . -12.61 25.06 -12.41
F2 8IH D . -13.47 23.96 -10.83
F3 8IH D . -11.58 23.40 -11.59
O1 8IH D . -14.56 18.94 -11.44
O2 8IH D . -15.85 17.80 -12.81
CL1 8IH D . -12.06 26.90 -17.49
CL2 8IH D . -8.18 24.49 -14.64
PA NAP E . 2.95 -15.63 5.10
O1A NAP E . 3.41 -14.48 4.20
O2A NAP E . 4.10 -16.63 5.30
O5B NAP E . 1.65 -16.39 4.38
C5B NAP E . 0.64 -15.54 3.82
C4B NAP E . -0.64 -16.37 3.54
O4B NAP E . -0.35 -17.29 2.62
C3B NAP E . -1.04 -17.16 4.79
O3B NAP E . -2.00 -16.50 5.46
C2B NAP E . -1.60 -18.52 4.23
O2B NAP E . -3.10 -18.55 4.38
C1B NAP E . -1.29 -18.57 2.97
N9A NAP E . -0.56 -19.78 2.69
C8A NAP E . 0.30 -20.52 3.41
N7A NAP E . 0.68 -21.56 2.65
C5A NAP E . 0.04 -21.48 1.46
C6A NAP E . 0.06 -22.27 0.33
N6A NAP E . 0.83 -23.50 0.12
N1A NAP E . -0.68 -21.95 -0.73
C2A NAP E . -1.47 -20.84 -0.71
N3A NAP E . -1.48 -20.05 0.40
C4A NAP E . -0.73 -20.38 1.47
O3 NAP E . 2.43 -15.04 6.58
PN NAP E . 3.12 -13.79 7.37
O1N NAP E . 2.36 -13.53 8.63
O2N NAP E . 3.12 -12.58 6.51
O5D NAP E . 4.68 -14.22 7.72
C5D NAP E . 4.88 -15.56 8.27
C4D NAP E . 5.50 -15.43 9.69
O4D NAP E . 6.47 -14.57 9.64
C3D NAP E . 4.48 -14.82 10.67
O3D NAP E . 3.64 -15.75 11.20
C2D NAP E . 5.42 -14.22 11.75
O2D NAP E . 5.80 -15.28 12.74
C1D NAP E . 6.48 -13.82 11.09
N1N NAP E . 6.50 -12.37 10.94
C2N NAP E . 7.45 -11.65 11.58
C3N NAP E . 7.49 -10.27 11.45
C7N NAP E . 8.56 -9.46 12.17
O7N NAP E . 8.48 -8.26 12.21
N7N NAP E . 9.67 -10.14 12.82
C4N NAP E . 6.58 -9.63 10.67
C5N NAP E . 5.61 -10.35 10.03
C6N NAP E . 5.59 -11.73 10.16
P2B NAP E . -3.76 -19.71 5.35
O1X NAP E . -3.57 -19.34 6.77
O2X NAP E . -5.24 -19.82 5.04
O3X NAP E . -3.09 -21.04 5.07
C4 8IH F . 6.20 -1.95 9.57
C5 8IH F . 5.62 -3.01 10.24
C6 8IH F . 6.40 -4.05 10.72
C7 8IH F . 5.79 -5.20 11.45
C8 8IH F . 5.02 -6.10 10.72
C10 8IH F . 4.51 -7.39 12.69
C13 8IH F . 6.69 -4.46 13.71
C15 8IH F . 4.73 -9.82 13.31
C17 8IH F . 1.46 -7.76 13.09
C1 8IH F . 7.78 -4.00 10.48
C11 8IH F . 5.27 -6.48 13.42
C12 8IH F . 5.91 -5.39 12.83
C14 8IH F . 3.83 -8.57 13.38
C16 8IH F . 2.43 -8.88 12.84
C2 8IH F . 8.34 -2.94 9.80
C3 8IH F . 7.55 -1.90 9.33
C9 8IH F . 4.39 -7.18 11.32
F1 8IH F . 6.72 -3.20 13.27
F2 8IH F . 6.20 -4.39 14.94
F3 8IH F . 7.96 -4.83 13.84
O1 8IH F . 5.87 -9.75 13.83
O2 8IH F . 4.29 -10.85 12.76
CL1 8IH F . 5.19 -0.65 8.98
CL2 8IH F . 10.05 -2.90 9.52
#